data_4NM4
#
_entry.id   4NM4
#
_cell.length_a   59.954
_cell.length_b   68.634
_cell.length_c   72.401
_cell.angle_alpha   78.67
_cell.angle_beta   78.93
_cell.angle_gamma   86.18
#
_symmetry.space_group_name_H-M   'P 1'
#
loop_
_entity.id
_entity.type
_entity.pdbx_description
1 polymer 'Antibody CR8043, Light Chain'
2 polymer 'Antibody CR8043, Heavy Chain'
3 non-polymer DI(HYDROXYETHYL)ETHER
4 water water
#
loop_
_entity_poly.entity_id
_entity_poly.type
_entity_poly.pdbx_seq_one_letter_code
_entity_poly.pdbx_strand_id
1 'polypeptide(L)'
;DIQMTQSPDSLAVSLGERATINCKSSQSVFSSSTNKNYLAWYQQKPGQPPKVLIYWSSTRESGVPDRFSASGSGTDFTLT
ISSLQAADVAVYYCHQYYTAPWTFGQGTKVEIKRTVAAPSVFIFPPSDEQLKSGTASVVCLLNNFYPREAKVQWKVDNAL
QSGNSQESVTEQDSKDSTYSLSSTLTLSKADYEKHKVYACEVTHQGLSSPVTKSFNRGEC
;
L,M
2 'polypeptide(L)'
;QVQLVQSGAEVKKPGASVKLSCKASGYTFTAYSMHWVRQAPGQSLEWLGWINTAIGNTQYSQKFQDRVTITRDTSARTSY
MELSSLRSGDTAVYFCARGASWDARGWSGYWGKGTLVTVSSASTKGPSVFPLAPSSKSTSGGTAALGCLVKDYFPEPVTV
SWNSGALTSGVHTFPAVLQSSGLYSLSSVVTVPSSSLGTQTYICNVNHKPSNTKVDKRVEPKSC
;
H,I
#
loop_
_chem_comp.id
_chem_comp.type
_chem_comp.name
_chem_comp.formula
PEG non-polymer DI(HYDROXYETHYL)ETHER 'C4 H10 O3'
#
# COMPACT_ATOMS: atom_id res chain seq x y z
N ASP A 1 21.99 -21.86 7.61
CA ASP A 1 21.06 -20.74 7.70
C ASP A 1 19.65 -21.20 8.03
N ILE A 2 18.69 -20.32 7.84
CA ILE A 2 17.30 -20.70 8.03
C ILE A 2 16.72 -21.23 6.74
N GLN A 3 16.44 -22.53 6.71
CA GLN A 3 15.91 -23.18 5.52
C GLN A 3 14.43 -22.91 5.40
N MET A 4 14.00 -22.42 4.24
CA MET A 4 12.58 -22.21 3.95
C MET A 4 12.09 -23.31 2.99
N THR A 5 10.95 -23.90 3.31
CA THR A 5 10.43 -25.07 2.61
C THR A 5 8.94 -24.97 2.33
N GLN A 6 8.56 -24.93 1.05
CA GLN A 6 7.14 -24.81 0.72
C GLN A 6 6.41 -26.11 0.37
N SER A 7 5.09 -26.06 0.49
CA SER A 7 4.28 -27.21 0.18
C SER A 7 2.92 -26.72 -0.28
N PRO A 8 2.42 -27.23 -1.41
CA PRO A 8 3.06 -28.25 -2.24
C PRO A 8 3.98 -27.59 -3.24
N ASP A 9 4.67 -28.41 -4.03
CA ASP A 9 5.57 -27.90 -5.05
C ASP A 9 4.80 -27.32 -6.21
N SER A 10 3.71 -28.00 -6.53
CA SER A 10 2.84 -27.57 -7.62
C SER A 10 1.41 -27.71 -7.16
N LEU A 11 0.56 -26.82 -7.63
CA LEU A 11 -0.81 -26.79 -7.16
C LEU A 11 -1.75 -26.44 -8.29
N ALA A 12 -2.81 -27.24 -8.45
CA ALA A 12 -3.78 -27.03 -9.52
C ALA A 12 -5.13 -26.72 -8.92
N VAL A 13 -5.68 -25.56 -9.25
CA VAL A 13 -6.99 -25.20 -8.72
C VAL A 13 -7.92 -24.64 -9.79
N SER A 14 -9.23 -24.83 -9.59
CA SER A 14 -10.24 -24.43 -10.55
C SER A 14 -10.49 -22.93 -10.45
N LEU A 15 -11.01 -22.33 -11.51
CA LEU A 15 -11.34 -20.90 -11.47
C LEU A 15 -12.31 -20.68 -10.34
N GLY A 16 -12.12 -19.61 -9.59
CA GLY A 16 -13.03 -19.28 -8.49
C GLY A 16 -12.84 -20.06 -7.19
N GLU A 17 -12.04 -21.11 -7.23
CA GLU A 17 -11.80 -21.99 -6.08
C GLU A 17 -10.64 -21.50 -5.22
N ARG A 18 -10.42 -22.18 -4.09
CA ARG A 18 -9.47 -21.74 -3.08
C ARG A 18 -8.07 -22.35 -3.29
N ALA A 19 -7.05 -21.54 -3.06
CA ALA A 19 -5.68 -22.01 -3.20
C ALA A 19 -4.91 -21.75 -1.91
N THR A 20 -4.17 -22.76 -1.47
CA THR A 20 -3.51 -22.73 -0.19
C THR A 20 -2.09 -23.21 -0.28
N ILE A 21 -1.14 -22.33 0.03
CA ILE A 21 0.28 -22.67 -0.01
C ILE A 21 0.90 -22.53 1.39
N ASN A 22 1.75 -23.48 1.75
CA ASN A 22 2.33 -23.60 3.08
C ASN A 22 3.83 -23.37 3.10
N CYS A 23 4.31 -22.71 4.15
CA CYS A 23 5.74 -22.46 4.32
C CYS A 23 6.23 -22.88 5.70
N LYS A 24 7.28 -23.70 5.75
CA LYS A 24 7.92 -24.03 7.03
C LYS A 24 9.36 -23.56 7.04
N SER A 25 9.73 -22.91 8.14
CA SER A 25 11.09 -22.40 8.31
C SER A 25 11.83 -23.32 9.25
N SER A 26 13.13 -23.48 9.04
CA SER A 26 13.88 -24.45 9.83
C SER A 26 14.02 -23.95 11.28
N GLN A 27 13.89 -22.64 11.46
CA GLN A 27 13.90 -22.03 12.78
C GLN A 27 12.86 -20.89 12.80
N SER A 28 12.44 -20.47 14.00
CA SER A 28 11.40 -19.44 14.12
C SER A 28 11.82 -18.07 13.63
N VAL A 29 10.87 -17.36 13.01
CA VAL A 29 11.14 -16.04 12.45
C VAL A 29 10.26 -15.03 13.15
N PHE A 30 9.91 -15.35 14.39
CA PHE A 30 9.14 -14.47 15.28
C PHE A 30 10.06 -13.77 16.24
N SER A 31 9.85 -12.47 16.45
CA SER A 31 10.63 -11.74 17.47
C SER A 31 9.72 -11.40 18.67
N SER A 32 10.03 -11.94 19.85
CA SER A 32 9.25 -11.62 21.06
C SER A 32 9.46 -10.16 21.46
N SER A 33 10.62 -9.62 21.07
CA SER A 33 10.99 -8.23 21.29
C SER A 33 10.06 -7.24 20.55
N THR A 34 9.70 -7.56 19.31
CA THR A 34 8.87 -6.65 18.48
C THR A 34 7.47 -7.19 18.18
N ASN A 35 7.19 -8.42 18.60
CA ASN A 35 5.95 -9.15 18.27
C ASN A 35 5.56 -9.18 16.80
N LYS A 36 6.53 -9.45 15.94
CA LYS A 36 6.26 -9.54 14.53
C LYS A 36 6.86 -10.83 13.99
N ASN A 37 6.25 -11.37 12.93
CA ASN A 37 6.86 -12.49 12.19
C ASN A 37 7.60 -11.95 10.97
N TYR A 38 8.89 -12.22 10.88
CA TYR A 38 9.71 -11.65 9.82
C TYR A 38 9.65 -12.44 8.51
N LEU A 39 8.50 -12.38 7.85
CA LEU A 39 8.16 -13.29 6.75
C LEU A 39 7.40 -12.53 5.66
N ALA A 40 7.74 -12.76 4.40
CA ALA A 40 7.01 -12.15 3.29
C ALA A 40 6.65 -13.15 2.20
N TRP A 41 5.65 -12.79 1.42
CA TRP A 41 5.20 -13.59 0.29
C TRP A 41 5.24 -12.79 -1.00
N TYR A 42 5.78 -13.44 -2.03
CA TYR A 42 5.95 -12.81 -3.34
C TYR A 42 5.33 -13.64 -4.49
N GLN A 43 4.86 -12.92 -5.49
CA GLN A 43 4.37 -13.49 -6.72
C GLN A 43 5.41 -13.25 -7.79
N GLN A 44 5.57 -14.22 -8.69
CA GLN A 44 6.48 -14.09 -9.83
C GLN A 44 5.93 -14.73 -11.09
N LYS A 45 5.72 -13.89 -12.09
CA LYS A 45 5.32 -14.34 -13.42
C LYS A 45 6.55 -14.41 -14.33
N PRO A 46 6.55 -15.33 -15.30
CA PRO A 46 7.78 -15.50 -16.09
C PRO A 46 8.26 -14.20 -16.74
N GLY A 47 9.56 -13.95 -16.66
CA GLY A 47 10.17 -12.76 -17.21
C GLY A 47 10.25 -11.60 -16.22
N GLN A 48 9.24 -11.47 -15.40
CA GLN A 48 9.12 -10.33 -14.51
C GLN A 48 9.82 -10.60 -13.19
N PRO A 49 10.23 -9.52 -12.47
CA PRO A 49 10.79 -9.65 -11.11
C PRO A 49 9.69 -9.96 -10.09
N PRO A 50 10.09 -10.38 -8.87
CA PRO A 50 9.11 -10.69 -7.82
C PRO A 50 8.32 -9.47 -7.33
N LYS A 51 7.08 -9.67 -6.89
CA LYS A 51 6.25 -8.58 -6.33
C LYS A 51 5.65 -8.98 -4.97
N VAL A 52 5.91 -8.22 -3.90
CA VAL A 52 5.32 -8.55 -2.57
C VAL A 52 3.81 -8.60 -2.59
N LEU A 53 3.28 -9.65 -1.98
CA LEU A 53 1.86 -9.72 -1.72
C LEU A 53 1.74 -9.42 -0.26
N ILE A 54 2.65 -10.01 0.53
CA ILE A 54 2.43 -9.94 1.96
C ILE A 54 3.71 -9.75 2.76
N TYR A 55 3.70 -8.92 3.80
CA TYR A 55 4.88 -8.76 4.65
C TYR A 55 4.45 -8.77 6.13
N TRP A 56 5.42 -8.87 7.04
CA TRP A 56 5.13 -9.17 8.45
C TRP A 56 4.22 -10.37 8.55
N SER A 57 4.44 -11.32 7.64
CA SER A 57 3.67 -12.56 7.54
C SER A 57 2.15 -12.43 7.32
N SER A 58 1.54 -11.30 7.70
CA SER A 58 0.07 -11.19 7.62
C SER A 58 -0.49 -9.86 7.11
N THR A 59 0.38 -8.93 6.75
CA THR A 59 -0.09 -7.67 6.18
C THR A 59 -0.05 -7.68 4.64
N ARG A 60 -1.13 -7.24 4.02
CA ARG A 60 -1.27 -7.19 2.57
C ARG A 60 -0.68 -5.90 2.05
N GLU A 61 0.19 -5.99 1.04
CA GLU A 61 0.83 -4.82 0.41
C GLU A 61 -0.27 -4.01 -0.27
N SER A 62 -0.13 -2.68 -0.34
CA SER A 62 -1.19 -1.90 -1.00
C SER A 62 -1.20 -2.20 -2.48
N GLY A 63 -2.39 -2.17 -3.04
CA GLY A 63 -2.59 -2.47 -4.44
C GLY A 63 -2.84 -3.95 -4.69
N VAL A 64 -2.42 -4.81 -3.76
CA VAL A 64 -2.74 -6.23 -3.87
C VAL A 64 -4.21 -6.51 -3.54
N PRO A 65 -4.93 -7.23 -4.43
CA PRO A 65 -6.35 -7.53 -4.15
C PRO A 65 -6.58 -8.34 -2.89
N ASP A 66 -7.73 -8.14 -2.24
CA ASP A 66 -8.01 -8.76 -0.94
C ASP A 66 -8.28 -10.27 -0.92
N ARG A 67 -8.33 -10.88 -2.09
CA ARG A 67 -8.44 -12.33 -2.15
C ARG A 67 -7.15 -13.02 -1.69
N PHE A 68 -6.06 -12.27 -1.63
CA PHE A 68 -4.83 -12.77 -1.02
C PHE A 68 -4.82 -12.43 0.47
N SER A 69 -4.41 -13.39 1.30
CA SER A 69 -4.22 -13.13 2.72
C SER A 69 -3.23 -14.18 3.20
N ALA A 70 -2.47 -13.89 4.25
CA ALA A 70 -1.54 -14.89 4.76
C ALA A 70 -1.59 -14.92 6.27
N SER A 71 -1.20 -16.04 6.85
CA SER A 71 -1.29 -16.20 8.29
C SER A 71 -0.25 -17.18 8.76
N GLY A 72 -0.26 -17.46 10.06
CA GLY A 72 0.68 -18.38 10.64
C GLY A 72 1.57 -17.62 11.57
N SER A 73 2.36 -18.35 12.35
CA SER A 73 3.22 -17.77 13.35
C SER A 73 4.47 -18.61 13.51
N GLY A 74 5.59 -17.93 13.81
CA GLY A 74 6.80 -18.59 14.26
C GLY A 74 7.52 -19.37 13.18
N THR A 75 7.08 -20.60 12.95
CA THR A 75 7.66 -21.43 11.89
C THR A 75 6.64 -21.92 10.88
N ASP A 76 5.34 -21.74 11.16
CA ASP A 76 4.32 -22.22 10.23
C ASP A 76 3.56 -21.08 9.53
N PHE A 77 3.56 -21.08 8.20
CA PHE A 77 2.89 -19.99 7.47
C PHE A 77 2.03 -20.48 6.29
N THR A 78 1.06 -19.65 5.92
CA THR A 78 0.11 -20.04 4.90
C THR A 78 -0.43 -18.86 4.12
N LEU A 79 -0.14 -18.89 2.82
CA LEU A 79 -0.72 -17.95 1.87
C LEU A 79 -2.00 -18.58 1.30
N THR A 80 -3.04 -17.75 1.17
CA THR A 80 -4.33 -18.19 0.68
C THR A 80 -4.78 -17.21 -0.39
N ILE A 81 -5.18 -17.78 -1.53
CA ILE A 81 -5.82 -17.01 -2.57
C ILE A 81 -7.22 -17.53 -2.52
N SER A 82 -8.12 -16.73 -1.99
CA SER A 82 -9.40 -17.27 -1.62
C SER A 82 -10.19 -17.72 -2.85
N SER A 83 -10.13 -16.93 -3.93
CA SER A 83 -10.92 -17.28 -5.13
C SER A 83 -10.17 -17.03 -6.46
N LEU A 84 -9.45 -18.06 -6.90
CA LEU A 84 -8.44 -17.95 -7.94
C LEU A 84 -8.97 -17.37 -9.27
N GLN A 85 -8.32 -16.30 -9.73
CA GLN A 85 -8.67 -15.69 -11.00
C GLN A 85 -7.56 -16.07 -11.92
N ALA A 86 -7.75 -15.87 -13.21
CA ALA A 86 -6.74 -16.27 -14.19
C ALA A 86 -5.39 -15.56 -13.99
N ALA A 87 -5.41 -14.31 -13.55
CA ALA A 87 -4.16 -13.56 -13.37
C ALA A 87 -3.33 -14.04 -12.18
N ASP A 88 -3.88 -14.92 -11.36
CA ASP A 88 -3.18 -15.39 -10.16
C ASP A 88 -2.24 -16.57 -10.50
N VAL A 89 -2.31 -17.02 -11.76
CA VAL A 89 -1.45 -18.11 -12.24
C VAL A 89 0.00 -17.66 -12.34
N ALA A 90 0.85 -18.22 -11.48
CA ALA A 90 2.20 -17.74 -11.31
C ALA A 90 2.95 -18.66 -10.35
N VAL A 91 4.20 -18.31 -10.04
CA VAL A 91 4.98 -18.95 -8.98
C VAL A 91 5.02 -18.12 -7.68
N TYR A 92 4.87 -18.77 -6.52
CA TYR A 92 4.87 -18.03 -5.26
C TYR A 92 6.04 -18.41 -4.37
N TYR A 93 6.67 -17.41 -3.75
CA TYR A 93 7.82 -17.65 -2.89
C TYR A 93 7.56 -17.09 -1.52
N CYS A 94 7.98 -17.84 -0.50
CA CYS A 94 8.02 -17.29 0.86
C CYS A 94 9.45 -16.81 1.15
N HIS A 95 9.62 -15.95 2.15
CA HIS A 95 10.89 -15.24 2.34
C HIS A 95 11.10 -14.86 3.80
N GLN A 96 12.15 -15.36 4.43
CA GLN A 96 12.40 -14.90 5.78
C GLN A 96 13.43 -13.77 5.78
N TYR A 97 13.18 -12.75 6.57
CA TYR A 97 14.12 -11.65 6.69
C TYR A 97 14.41 -11.40 8.16
N TYR A 98 14.32 -12.47 8.94
CA TYR A 98 14.60 -12.42 10.37
C TYR A 98 16.08 -12.19 10.61
N THR A 99 16.89 -12.87 9.80
CA THR A 99 18.33 -12.74 9.92
C THR A 99 18.96 -12.83 8.53
N ALA A 100 20.10 -12.17 8.34
CA ALA A 100 20.91 -12.42 7.16
C ALA A 100 21.54 -13.81 7.36
N PRO A 101 21.69 -14.59 6.29
CA PRO A 101 21.26 -14.30 4.93
C PRO A 101 19.75 -14.40 4.78
N TRP A 102 19.18 -13.52 3.97
CA TRP A 102 17.85 -13.74 3.41
C TRP A 102 17.81 -15.12 2.77
N THR A 103 16.75 -15.88 3.05
CA THR A 103 16.53 -17.13 2.34
C THR A 103 15.10 -17.16 1.85
N PHE A 104 14.88 -17.95 0.81
CA PHE A 104 13.57 -18.11 0.23
C PHE A 104 13.19 -19.58 0.17
N GLY A 105 11.90 -19.84 0.02
CA GLY A 105 11.43 -21.17 -0.27
C GLY A 105 11.78 -21.55 -1.69
N GLN A 106 11.45 -22.78 -2.06
CA GLN A 106 11.86 -23.30 -3.36
C GLN A 106 10.91 -22.85 -4.46
N GLY A 107 9.73 -22.39 -4.06
CA GLY A 107 8.72 -21.90 -5.00
C GLY A 107 7.57 -22.88 -5.19
N THR A 108 6.35 -22.36 -5.20
CA THR A 108 5.17 -23.17 -5.48
C THR A 108 4.52 -22.68 -6.77
N LYS A 109 4.49 -23.51 -7.81
CA LYS A 109 3.83 -23.14 -9.06
C LYS A 109 2.33 -23.35 -8.92
N VAL A 110 1.53 -22.34 -9.26
CA VAL A 110 0.06 -22.44 -9.14
C VAL A 110 -0.57 -22.31 -10.52
N GLU A 111 -1.41 -23.26 -10.89
CA GLU A 111 -2.05 -23.21 -12.22
C GLU A 111 -3.58 -23.40 -12.12
N ILE A 112 -4.24 -23.10 -13.23
CA ILE A 112 -5.66 -23.32 -13.39
C ILE A 112 -5.93 -24.79 -13.69
N LYS A 113 -6.76 -25.43 -12.87
CA LYS A 113 -7.13 -26.82 -13.13
C LYS A 113 -8.27 -26.83 -14.16
N ARG A 114 -8.24 -27.80 -15.06
CA ARG A 114 -9.25 -27.95 -16.11
C ARG A 114 -9.44 -29.44 -16.36
N THR A 115 -10.41 -29.78 -17.18
CA THR A 115 -10.64 -31.18 -17.49
C THR A 115 -9.45 -31.76 -18.25
N VAL A 116 -9.17 -33.04 -18.12
CA VAL A 116 -8.02 -33.60 -18.80
C VAL A 116 -8.29 -33.70 -20.31
N ALA A 117 -7.30 -33.25 -21.09
CA ALA A 117 -7.36 -33.24 -22.54
C ALA A 117 -6.12 -33.93 -23.06
N ALA A 118 -6.27 -34.75 -24.09
CA ALA A 118 -5.14 -35.50 -24.61
C ALA A 118 -4.38 -34.67 -25.63
N PRO A 119 -3.08 -34.97 -25.80
CA PRO A 119 -2.27 -34.20 -26.74
C PRO A 119 -2.48 -34.67 -28.17
N SER A 120 -2.50 -33.76 -29.12
CA SER A 120 -2.40 -34.20 -30.49
C SER A 120 -0.91 -34.33 -30.74
N VAL A 121 -0.47 -35.46 -31.27
CA VAL A 121 0.95 -35.68 -31.47
C VAL A 121 1.34 -35.59 -32.94
N PHE A 122 2.45 -34.93 -33.21
CA PHE A 122 2.99 -34.85 -34.57
C PHE A 122 4.46 -35.15 -34.54
N ILE A 123 4.97 -35.73 -35.62
CA ILE A 123 6.39 -35.99 -35.72
C ILE A 123 6.91 -35.28 -36.94
N PHE A 124 8.16 -34.85 -36.88
CA PHE A 124 8.80 -34.10 -37.95
C PHE A 124 10.19 -34.67 -38.19
N PRO A 125 10.46 -35.11 -39.41
CA PRO A 125 11.78 -35.62 -39.77
C PRO A 125 12.67 -34.45 -40.14
N PRO A 126 14.00 -34.61 -40.05
CA PRO A 126 14.91 -33.51 -40.40
C PRO A 126 14.73 -33.08 -41.84
N SER A 127 14.86 -31.78 -42.05
CA SER A 127 14.86 -31.22 -43.39
C SER A 127 16.11 -31.68 -44.11
N ASP A 128 16.10 -31.67 -45.45
CA ASP A 128 17.27 -32.13 -46.21
C ASP A 128 18.43 -31.14 -46.11
N GLU A 129 18.08 -29.87 -46.01
CA GLU A 129 19.07 -28.84 -45.88
C GLU A 129 19.78 -28.94 -44.54
N GLN A 130 19.11 -29.47 -43.52
CA GLN A 130 19.82 -29.68 -42.28
C GLN A 130 20.71 -30.91 -42.40
N LEU A 131 20.23 -31.92 -43.14
CA LEU A 131 21.01 -33.13 -43.36
C LEU A 131 22.32 -32.92 -44.12
N LYS A 132 22.38 -31.90 -44.99
CA LYS A 132 23.66 -31.56 -45.65
C LYS A 132 24.73 -31.19 -44.62
N SER A 133 24.29 -30.53 -43.55
CA SER A 133 25.15 -30.05 -42.45
C SER A 133 25.73 -31.15 -41.57
N GLY A 134 25.33 -32.41 -41.77
CA GLY A 134 25.87 -33.53 -41.00
C GLY A 134 25.14 -33.89 -39.70
N THR A 135 24.04 -33.22 -39.41
CA THR A 135 23.27 -33.50 -38.21
C THR A 135 21.77 -33.63 -38.44
N ALA A 136 21.15 -34.45 -37.61
CA ALA A 136 19.74 -34.78 -37.76
C ALA A 136 18.95 -34.45 -36.51
N SER A 137 17.85 -33.77 -36.72
CA SER A 137 16.97 -33.37 -35.65
C SER A 137 15.58 -33.88 -35.98
N VAL A 138 15.15 -34.90 -35.25
CA VAL A 138 13.76 -35.34 -35.31
C VAL A 138 12.97 -34.64 -34.19
N VAL A 139 11.80 -34.10 -34.52
CA VAL A 139 11.02 -33.34 -33.55
C VAL A 139 9.67 -33.95 -33.27
N CYS A 140 9.30 -34.06 -32.00
CA CYS A 140 7.96 -34.50 -31.61
C CYS A 140 7.20 -33.36 -30.96
N LEU A 141 5.98 -33.15 -31.42
CA LEU A 141 5.12 -32.11 -30.89
C LEU A 141 3.89 -32.70 -30.18
N LEU A 142 3.69 -32.25 -28.94
CA LEU A 142 2.53 -32.64 -28.17
C LEU A 142 1.68 -31.39 -27.99
N ASN A 143 0.54 -31.32 -28.66
CA ASN A 143 -0.21 -30.08 -28.71
C ASN A 143 -1.45 -30.06 -27.84
N ASN A 144 -1.52 -29.00 -27.04
CA ASN A 144 -2.68 -28.59 -26.24
C ASN A 144 -3.30 -29.66 -25.36
N PHE A 145 -2.56 -30.11 -24.36
CA PHE A 145 -3.02 -31.17 -23.47
C PHE A 145 -3.03 -30.72 -22.01
N TYR A 146 -3.65 -31.52 -21.15
CA TYR A 146 -3.65 -31.22 -19.73
C TYR A 146 -3.91 -32.52 -18.98
N PRO A 147 -3.24 -32.72 -17.84
CA PRO A 147 -2.32 -31.82 -17.14
C PRO A 147 -0.91 -31.85 -17.73
N ARG A 148 0.06 -31.25 -17.04
CA ARG A 148 1.40 -31.03 -17.61
C ARG A 148 2.21 -32.32 -17.77
N GLU A 149 1.95 -33.34 -16.95
CA GLU A 149 2.79 -34.54 -16.97
C GLU A 149 2.64 -35.36 -18.26
N ALA A 150 3.75 -35.66 -18.91
CA ALA A 150 3.72 -36.37 -20.18
C ALA A 150 5.07 -37.03 -20.40
N LYS A 151 5.05 -38.31 -20.77
CA LYS A 151 6.30 -39.01 -21.07
C LYS A 151 6.47 -39.11 -22.58
N VAL A 152 7.62 -38.67 -23.07
CA VAL A 152 7.96 -38.83 -24.47
C VAL A 152 9.14 -39.78 -24.60
N GLN A 153 8.93 -40.90 -25.27
CA GLN A 153 10.01 -41.87 -25.46
C GLN A 153 10.33 -42.01 -26.96
N TRP A 154 11.60 -41.80 -27.31
CA TRP A 154 12.03 -41.92 -28.69
C TRP A 154 12.49 -43.35 -28.94
N LYS A 155 11.98 -43.97 -30.00
CA LYS A 155 12.38 -45.33 -30.39
C LYS A 155 12.88 -45.33 -31.85
N VAL A 156 14.09 -45.85 -32.04
CA VAL A 156 14.69 -45.96 -33.36
C VAL A 156 14.88 -47.43 -33.72
N ASP A 157 14.08 -47.89 -34.68
CA ASP A 157 14.00 -49.32 -35.03
C ASP A 157 13.56 -50.13 -33.81
N ASN A 158 12.77 -49.49 -32.96
CA ASN A 158 12.27 -50.04 -31.71
C ASN A 158 13.28 -50.12 -30.56
N ALA A 159 14.50 -49.65 -30.77
CA ALA A 159 15.45 -49.58 -29.67
C ALA A 159 15.29 -48.23 -28.99
N LEU A 160 14.54 -48.19 -27.90
CA LEU A 160 14.28 -46.93 -27.22
C LEU A 160 15.57 -46.21 -26.81
N GLN A 161 15.61 -44.90 -27.07
CA GLN A 161 16.81 -44.07 -26.92
C GLN A 161 16.92 -43.38 -25.56
N SER A 162 18.14 -42.98 -25.21
CA SER A 162 18.41 -42.31 -23.93
C SER A 162 19.67 -41.46 -24.02
N GLY A 163 19.57 -40.22 -23.53
CA GLY A 163 20.71 -39.33 -23.47
C GLY A 163 20.86 -38.45 -24.69
N ASN A 164 19.93 -38.58 -25.64
CA ASN A 164 20.03 -37.85 -26.90
C ASN A 164 18.77 -37.09 -27.28
N SER A 165 17.95 -36.76 -26.29
CA SER A 165 16.76 -35.97 -26.56
C SER A 165 16.69 -34.79 -25.60
N GLN A 166 15.90 -33.79 -25.95
CA GLN A 166 15.70 -32.64 -25.06
C GLN A 166 14.28 -32.11 -25.16
N GLU A 167 13.73 -31.66 -24.03
CA GLU A 167 12.32 -31.30 -23.97
C GLU A 167 12.13 -29.83 -23.64
N SER A 168 10.98 -29.31 -23.99
CA SER A 168 10.68 -27.93 -23.66
C SER A 168 9.15 -27.74 -23.61
N VAL A 169 8.65 -27.06 -22.60
CA VAL A 169 7.21 -26.95 -22.39
C VAL A 169 6.71 -25.50 -22.30
N THR A 170 5.62 -25.25 -23.01
CA THR A 170 4.93 -23.96 -23.05
C THR A 170 4.40 -23.55 -21.64
N GLU A 171 4.11 -22.26 -21.46
CA GLU A 171 3.45 -21.83 -20.23
C GLU A 171 1.95 -22.16 -20.37
N GLN A 172 1.23 -22.34 -19.27
CA GLN A 172 -0.18 -22.72 -19.36
C GLN A 172 -0.90 -21.75 -20.31
N ASP A 173 -1.69 -22.28 -21.22
CA ASP A 173 -2.27 -21.42 -22.25
C ASP A 173 -3.37 -20.54 -21.67
N SER A 174 -3.24 -19.22 -21.89
CA SER A 174 -4.19 -18.26 -21.33
C SER A 174 -5.63 -18.55 -21.78
N LYS A 175 -5.79 -19.03 -23.01
CA LYS A 175 -7.11 -19.25 -23.57
C LYS A 175 -7.73 -20.56 -23.09
N ASP A 176 -7.07 -21.68 -23.37
CA ASP A 176 -7.67 -22.98 -23.03
C ASP A 176 -7.00 -23.74 -21.87
N SER A 177 -6.02 -23.10 -21.23
CA SER A 177 -5.35 -23.68 -20.06
C SER A 177 -4.63 -25.00 -20.34
N THR A 178 -4.23 -25.25 -21.58
CA THR A 178 -3.46 -26.46 -21.88
C THR A 178 -1.97 -26.13 -21.91
N TYR A 179 -1.18 -27.19 -22.07
CA TYR A 179 0.26 -27.09 -22.25
C TYR A 179 0.63 -27.66 -23.59
N SER A 180 1.84 -27.34 -24.05
CA SER A 180 2.34 -27.96 -25.25
C SER A 180 3.79 -28.27 -25.02
N LEU A 181 4.23 -29.38 -25.60
CA LEU A 181 5.59 -29.86 -25.40
C LEU A 181 6.27 -30.14 -26.72
N SER A 182 7.54 -29.76 -26.79
CA SER A 182 8.36 -30.06 -27.96
C SER A 182 9.60 -30.88 -27.53
N SER A 183 9.82 -32.00 -28.21
CA SER A 183 10.92 -32.90 -27.91
C SER A 183 11.83 -33.01 -29.11
N THR A 184 13.14 -32.91 -28.91
CA THR A 184 14.06 -32.99 -30.04
C THR A 184 15.12 -34.04 -29.84
N LEU A 185 15.04 -35.07 -30.68
CA LEU A 185 16.04 -36.12 -30.75
C LEU A 185 17.11 -35.72 -31.78
N THR A 186 18.38 -35.94 -31.45
CA THR A 186 19.51 -35.51 -32.28
C THR A 186 20.50 -36.63 -32.61
N LEU A 187 20.80 -36.83 -33.89
CA LEU A 187 21.86 -37.80 -34.23
C LEU A 187 22.84 -37.19 -35.22
N SER A 188 23.94 -37.87 -35.44
CA SER A 188 24.81 -37.48 -36.54
C SER A 188 24.15 -37.98 -37.82
N LYS A 189 24.45 -37.36 -38.95
CA LYS A 189 23.93 -37.83 -40.22
C LYS A 189 24.21 -39.32 -40.33
N ALA A 190 25.41 -39.70 -39.92
CA ALA A 190 25.87 -41.09 -39.97
C ALA A 190 24.91 -42.07 -39.30
N ASP A 191 24.60 -41.83 -38.03
CA ASP A 191 23.71 -42.71 -37.28
C ASP A 191 22.30 -42.66 -37.85
N TYR A 192 21.90 -41.48 -38.29
CA TYR A 192 20.56 -41.30 -38.82
C TYR A 192 20.32 -42.14 -40.06
N GLU A 193 21.19 -42.03 -41.07
CA GLU A 193 21.03 -42.86 -42.26
C GLU A 193 21.65 -44.25 -42.07
N LYS A 194 21.22 -44.92 -41.01
CA LYS A 194 21.76 -46.21 -40.62
C LYS A 194 20.59 -47.03 -40.05
N HIS A 195 19.62 -46.32 -39.48
CA HIS A 195 18.36 -46.93 -39.07
C HIS A 195 17.22 -46.40 -39.93
N LYS A 196 16.06 -47.05 -39.84
CA LYS A 196 14.94 -46.81 -40.76
C LYS A 196 13.73 -46.16 -40.09
N VAL A 197 13.22 -46.82 -39.05
CA VAL A 197 12.00 -46.40 -38.38
C VAL A 197 12.23 -45.48 -37.20
N TYR A 198 11.73 -44.25 -37.31
CA TYR A 198 11.84 -43.29 -36.23
C TYR A 198 10.47 -43.01 -35.62
N ALA A 199 10.35 -43.25 -34.32
CA ALA A 199 9.05 -43.11 -33.66
C ALA A 199 9.09 -42.37 -32.33
N CYS A 200 7.96 -41.73 -32.04
CA CYS A 200 7.76 -40.96 -30.83
C CYS A 200 6.57 -41.59 -30.12
N GLU A 201 6.83 -42.17 -28.94
CA GLU A 201 5.76 -42.73 -28.13
C GLU A 201 5.40 -41.78 -26.98
N VAL A 202 4.13 -41.40 -26.94
CA VAL A 202 3.66 -40.48 -25.94
C VAL A 202 2.78 -41.18 -24.93
N THR A 203 3.01 -40.91 -23.64
CA THR A 203 2.15 -41.45 -22.61
C THR A 203 1.59 -40.26 -21.84
N HIS A 204 0.26 -40.26 -21.73
CA HIS A 204 -0.50 -39.20 -21.08
C HIS A 204 -1.82 -39.71 -20.52
N GLN A 205 -2.29 -39.11 -19.44
CA GLN A 205 -3.55 -39.50 -18.80
C GLN A 205 -4.76 -39.53 -19.74
N GLY A 206 -4.82 -38.62 -20.69
CA GLY A 206 -5.96 -38.52 -21.58
C GLY A 206 -5.89 -39.47 -22.78
N LEU A 207 -4.80 -40.24 -22.85
CA LEU A 207 -4.60 -41.22 -23.90
C LEU A 207 -4.84 -42.55 -23.23
N SER A 208 -5.89 -43.26 -23.65
CA SER A 208 -6.24 -44.56 -23.06
C SER A 208 -5.09 -45.52 -23.30
N SER A 209 -4.52 -45.43 -24.50
CA SER A 209 -3.34 -46.19 -24.88
C SER A 209 -2.27 -45.19 -25.32
N PRO A 210 -1.01 -45.47 -24.96
CA PRO A 210 0.14 -44.69 -25.45
C PRO A 210 0.10 -44.58 -26.98
N VAL A 211 0.19 -43.35 -27.46
CA VAL A 211 0.18 -43.09 -28.88
C VAL A 211 1.62 -43.04 -29.43
N THR A 212 1.84 -43.67 -30.57
CA THR A 212 3.11 -43.61 -31.23
C THR A 212 2.88 -42.95 -32.56
N LYS A 213 3.66 -41.94 -32.90
CA LYS A 213 3.59 -41.41 -34.25
C LYS A 213 4.96 -41.71 -34.87
N SER A 214 5.00 -41.99 -36.16
CA SER A 214 6.29 -42.39 -36.72
C SER A 214 6.46 -42.19 -38.22
N PHE A 215 7.72 -42.26 -38.64
CA PHE A 215 8.01 -42.23 -40.06
C PHE A 215 9.12 -43.21 -40.44
N ASN A 216 9.12 -43.59 -41.70
CA ASN A 216 10.25 -44.31 -42.25
C ASN A 216 11.11 -43.33 -43.00
N ARG A 217 12.40 -43.35 -42.70
CA ARG A 217 13.36 -42.51 -43.38
C ARG A 217 13.21 -42.73 -44.87
N GLY A 218 12.74 -41.71 -45.58
CA GLY A 218 12.39 -41.82 -46.99
C GLY A 218 10.90 -41.80 -47.32
N GLU A 219 10.22 -40.67 -47.08
CA GLU A 219 8.80 -40.56 -47.36
C GLU A 219 8.48 -40.15 -48.81
N GLN B 1 7.94 8.49 -7.17
CA GLN B 1 7.77 7.26 -7.97
C GLN B 1 9.04 6.43 -7.92
N VAL B 2 9.09 5.50 -6.95
CA VAL B 2 10.27 4.69 -6.69
C VAL B 2 10.67 3.84 -7.87
N GLN B 3 11.91 4.00 -8.32
CA GLN B 3 12.36 3.28 -9.51
C GLN B 3 13.76 2.68 -9.37
N LEU B 4 13.94 1.50 -9.95
CA LEU B 4 15.23 0.80 -9.99
C LEU B 4 15.61 0.32 -11.41
N VAL B 5 16.59 0.99 -12.00
CA VAL B 5 17.02 0.72 -13.37
C VAL B 5 18.33 -0.05 -13.40
N GLN B 6 18.29 -1.30 -13.88
CA GLN B 6 19.50 -2.14 -13.86
C GLN B 6 20.19 -2.15 -15.23
N SER B 7 21.51 -2.35 -15.21
CA SER B 7 22.30 -2.37 -16.45
C SER B 7 21.81 -3.46 -17.40
N GLY B 8 22.30 -3.41 -18.64
CA GLY B 8 21.79 -4.28 -19.69
C GLY B 8 22.32 -5.70 -19.56
N ALA B 9 21.83 -6.58 -20.42
CA ALA B 9 22.22 -7.99 -20.38
C ALA B 9 23.70 -8.18 -20.65
N GLU B 10 24.27 -9.23 -20.08
CA GLU B 10 25.71 -9.40 -20.12
C GLU B 10 26.09 -10.83 -20.50
N VAL B 11 27.13 -10.95 -21.33
CA VAL B 11 27.66 -12.25 -21.71
C VAL B 11 29.17 -12.33 -21.45
N LYS B 12 29.59 -13.31 -20.68
CA LYS B 12 30.98 -13.38 -20.28
C LYS B 12 31.46 -14.84 -20.30
N LYS B 13 32.76 -15.05 -20.43
CA LYS B 13 33.29 -16.40 -20.47
C LYS B 13 33.85 -16.81 -19.11
N PRO B 14 33.95 -18.11 -18.86
CA PRO B 14 34.41 -18.63 -17.56
C PRO B 14 35.72 -18.02 -17.07
N GLY B 15 35.79 -17.73 -15.78
CA GLY B 15 36.96 -17.14 -15.17
C GLY B 15 37.01 -15.62 -15.22
N ALA B 16 36.13 -15.01 -16.01
CA ALA B 16 36.04 -13.55 -16.08
C ALA B 16 35.25 -12.97 -14.91
N SER B 17 35.02 -11.67 -14.96
CA SER B 17 34.30 -10.97 -13.91
C SER B 17 33.25 -10.17 -14.59
N VAL B 18 32.22 -9.79 -13.83
CA VAL B 18 31.22 -8.88 -14.33
C VAL B 18 30.86 -7.91 -13.20
N LYS B 19 30.43 -6.71 -13.55
CA LYS B 19 30.01 -5.74 -12.56
C LYS B 19 28.71 -5.12 -13.05
N LEU B 20 27.63 -5.39 -12.33
CA LEU B 20 26.31 -4.89 -12.70
C LEU B 20 26.01 -3.69 -11.86
N SER B 21 25.14 -2.82 -12.36
CA SER B 21 24.75 -1.61 -11.65
C SER B 21 23.24 -1.49 -11.43
N CYS B 22 22.84 -0.73 -10.42
CA CYS B 22 21.42 -0.49 -10.16
C CYS B 22 21.19 0.98 -9.77
N LYS B 23 20.48 1.72 -10.62
CA LYS B 23 20.28 3.15 -10.43
C LYS B 23 18.87 3.43 -9.88
N ALA B 24 18.82 4.03 -8.69
CA ALA B 24 17.57 4.30 -7.99
C ALA B 24 17.09 5.74 -8.13
N SER B 25 15.78 5.94 -8.00
CA SER B 25 15.23 7.29 -7.94
C SER B 25 13.86 7.29 -7.26
N GLY B 26 13.36 8.48 -6.95
CA GLY B 26 12.02 8.65 -6.38
C GLY B 26 11.89 8.44 -4.88
N TYR B 27 13.03 8.23 -4.22
CA TYR B 27 13.07 8.10 -2.76
C TYR B 27 14.48 8.50 -2.33
N THR B 28 14.63 8.91 -1.06
CA THR B 28 15.95 9.27 -0.56
C THR B 28 16.82 8.01 -0.42
N PHE B 29 17.91 7.97 -1.18
CA PHE B 29 18.72 6.76 -1.36
C PHE B 29 19.38 6.21 -0.08
N THR B 30 19.73 7.05 0.87
CA THR B 30 20.55 6.55 1.98
C THR B 30 19.73 6.04 3.16
N ALA B 31 18.44 5.85 2.94
CA ALA B 31 17.53 5.55 4.02
C ALA B 31 17.02 4.13 3.93
N TYR B 32 17.35 3.44 2.83
CA TYR B 32 16.95 2.06 2.60
C TYR B 32 18.11 1.14 2.16
N SER B 33 18.17 -0.07 2.69
CA SER B 33 19.23 -1.00 2.32
C SER B 33 19.09 -1.39 0.86
N MET B 34 20.18 -1.86 0.27
CA MET B 34 20.07 -2.40 -1.07
C MET B 34 20.49 -3.86 -1.01
N HIS B 35 19.80 -4.70 -1.77
CA HIS B 35 20.04 -6.14 -1.78
C HIS B 35 20.29 -6.68 -3.19
N TRP B 36 21.15 -7.69 -3.30
CA TRP B 36 21.35 -8.37 -4.57
C TRP B 36 21.01 -9.84 -4.45
N VAL B 37 20.06 -10.24 -5.30
CA VAL B 37 19.46 -11.58 -5.31
C VAL B 37 19.44 -12.12 -6.73
N ARG B 38 19.93 -13.34 -6.93
CA ARG B 38 19.94 -13.94 -8.27
C ARG B 38 19.00 -15.15 -8.43
N GLN B 39 18.71 -15.50 -9.69
CA GLN B 39 17.84 -16.63 -9.99
C GLN B 39 18.33 -17.37 -11.24
N ALA B 40 18.89 -18.56 -11.07
CA ALA B 40 19.26 -19.39 -12.23
C ALA B 40 18.00 -19.78 -13.02
N PRO B 41 18.14 -20.11 -14.31
CA PRO B 41 16.88 -20.32 -15.06
C PRO B 41 16.04 -21.47 -14.49
N GLY B 42 14.74 -21.22 -14.33
CA GLY B 42 13.83 -22.18 -13.75
C GLY B 42 14.07 -22.51 -12.28
N GLN B 43 14.89 -21.70 -11.59
CA GLN B 43 15.28 -21.98 -10.21
C GLN B 43 14.73 -20.97 -9.21
N SER B 44 15.11 -21.14 -7.96
CA SER B 44 14.63 -20.24 -6.93
C SER B 44 15.51 -19.01 -6.77
N LEU B 45 15.03 -18.04 -5.99
CA LEU B 45 15.79 -16.82 -5.73
C LEU B 45 16.86 -17.08 -4.68
N GLU B 46 18.05 -16.57 -4.93
CA GLU B 46 19.19 -16.79 -4.06
C GLU B 46 19.81 -15.44 -3.72
N TRP B 47 19.83 -15.13 -2.43
CA TRP B 47 20.36 -13.86 -1.96
C TRP B 47 21.86 -13.88 -2.04
N LEU B 48 22.43 -12.85 -2.64
CA LEU B 48 23.89 -12.77 -2.74
C LEU B 48 24.41 -11.91 -1.62
N GLY B 49 23.69 -10.83 -1.32
CA GLY B 49 24.12 -10.03 -0.19
C GLY B 49 23.45 -8.69 -0.09
N TRP B 50 23.93 -7.84 0.81
CA TRP B 50 23.36 -6.52 0.99
C TRP B 50 24.38 -5.46 1.39
N ILE B 51 24.00 -4.20 1.15
CA ILE B 51 24.78 -3.04 1.53
C ILE B 51 23.88 -2.02 2.24
N ASN B 52 24.39 -1.52 3.37
CA ASN B 52 23.79 -0.42 4.14
C ASN B 52 24.20 0.81 3.37
N THR B 53 23.25 1.48 2.74
CA THR B 53 23.59 2.52 1.76
C THR B 53 24.18 3.78 2.41
N ALA B 54 23.98 3.91 3.70
CA ALA B 54 24.47 5.08 4.41
C ALA B 54 25.96 4.91 4.75
N ILE B 55 26.28 3.80 5.41
CA ILE B 55 27.64 3.56 5.88
C ILE B 55 28.49 3.02 4.76
N GLY B 56 27.96 2.01 4.09
CA GLY B 56 28.59 1.41 2.94
C GLY B 56 29.15 0.04 3.29
N ASN B 57 28.92 -0.42 4.51
CA ASN B 57 29.33 -1.76 4.89
C ASN B 57 28.37 -2.78 4.28
N THR B 58 28.84 -4.00 4.16
CA THR B 58 28.09 -5.04 3.48
C THR B 58 28.15 -6.33 4.23
N GLN B 59 27.24 -7.24 3.87
CA GLN B 59 27.52 -8.64 4.15
C GLN B 59 26.95 -9.53 3.09
N TYR B 60 27.65 -10.62 2.84
CA TYR B 60 27.32 -11.51 1.74
C TYR B 60 26.94 -12.89 2.22
N SER B 61 26.38 -13.68 1.31
CA SER B 61 26.08 -15.06 1.61
C SER B 61 27.41 -15.82 1.60
N GLN B 62 27.54 -16.78 2.49
CA GLN B 62 28.80 -17.50 2.65
C GLN B 62 29.23 -18.21 1.36
N LYS B 63 28.27 -18.70 0.57
CA LYS B 63 28.59 -19.35 -0.70
C LYS B 63 29.21 -18.38 -1.70
N PHE B 64 29.34 -17.11 -1.32
CA PHE B 64 29.77 -16.08 -2.25
C PHE B 64 30.77 -15.08 -1.68
N GLN B 65 31.11 -15.19 -0.39
CA GLN B 65 32.02 -14.24 0.27
C GLN B 65 33.33 -14.15 -0.46
N ASP B 66 33.69 -15.27 -1.08
CA ASP B 66 34.87 -15.32 -1.90
C ASP B 66 34.84 -14.32 -3.06
N ARG B 67 33.75 -14.28 -3.81
CA ARG B 67 33.72 -13.62 -5.12
C ARG B 67 32.85 -12.38 -5.33
N VAL B 68 31.92 -12.09 -4.43
CA VAL B 68 31.03 -10.95 -4.65
C VAL B 68 31.43 -9.73 -3.82
N THR B 69 31.34 -8.55 -4.42
CA THR B 69 31.53 -7.33 -3.66
C THR B 69 30.44 -6.35 -4.05
N ILE B 70 29.78 -5.79 -3.05
CA ILE B 70 28.70 -4.86 -3.28
C ILE B 70 29.12 -3.45 -2.89
N THR B 71 28.71 -2.49 -3.71
CA THR B 71 29.23 -1.15 -3.66
C THR B 71 28.09 -0.15 -3.80
N ARG B 72 28.27 1.08 -3.31
CA ARG B 72 27.36 2.14 -3.68
C ARG B 72 28.06 3.48 -3.86
N ASP B 73 27.42 4.34 -4.65
CA ASP B 73 27.86 5.69 -4.99
C ASP B 73 26.65 6.53 -4.69
N THR B 74 26.72 7.21 -3.57
CA THR B 74 25.56 7.84 -2.98
C THR B 74 25.08 9.10 -3.72
N SER B 75 26.00 9.80 -4.39
CA SER B 75 25.62 10.97 -5.16
C SER B 75 25.00 10.51 -6.47
N ALA B 76 25.40 9.31 -6.89
CA ALA B 76 24.88 8.69 -8.10
C ALA B 76 23.55 7.99 -7.87
N ARG B 77 23.19 7.82 -6.59
CA ARG B 77 22.06 6.99 -6.22
C ARG B 77 22.22 5.59 -6.82
N THR B 78 23.41 5.02 -6.74
CA THR B 78 23.65 3.78 -7.49
C THR B 78 24.35 2.68 -6.70
N SER B 79 23.90 1.45 -6.91
CA SER B 79 24.52 0.27 -6.31
C SER B 79 25.28 -0.54 -7.36
N TYR B 80 26.20 -1.39 -6.94
CA TYR B 80 27.05 -2.12 -7.87
C TYR B 80 27.32 -3.49 -7.29
N MET B 81 27.17 -4.51 -8.12
CA MET B 81 27.51 -5.84 -7.65
C MET B 81 28.52 -6.41 -8.60
N GLU B 82 29.63 -6.87 -8.06
CA GLU B 82 30.72 -7.37 -8.89
C GLU B 82 31.00 -8.83 -8.54
N LEU B 83 30.82 -9.69 -9.53
CA LEU B 83 31.08 -11.12 -9.36
C LEU B 83 32.28 -11.56 -10.18
N SER B 84 33.16 -12.31 -9.54
CA SER B 84 34.44 -12.67 -10.15
C SER B 84 34.60 -14.16 -10.30
N SER B 85 35.60 -14.57 -11.09
CA SER B 85 35.89 -15.97 -11.33
C SER B 85 34.59 -16.69 -11.72
N LEU B 86 33.91 -16.14 -12.71
CA LEU B 86 32.62 -16.64 -13.15
C LEU B 86 32.69 -18.07 -13.69
N ARG B 87 31.61 -18.82 -13.44
CA ARG B 87 31.47 -20.19 -13.92
C ARG B 87 30.10 -20.31 -14.56
N SER B 88 29.88 -21.38 -15.33
CA SER B 88 28.63 -21.53 -16.07
C SER B 88 27.45 -21.53 -15.10
N GLY B 89 27.68 -22.06 -13.91
CA GLY B 89 26.68 -22.11 -12.86
C GLY B 89 26.30 -20.75 -12.30
N ASP B 90 26.92 -19.69 -12.79
CA ASP B 90 26.58 -18.34 -12.36
C ASP B 90 25.63 -17.72 -13.37
N THR B 91 25.28 -18.47 -14.41
CA THR B 91 24.31 -18.01 -15.36
C THR B 91 22.97 -17.91 -14.66
N ALA B 92 22.42 -16.69 -14.62
CA ALA B 92 21.23 -16.38 -13.85
C ALA B 92 20.79 -14.94 -14.12
N VAL B 93 19.57 -14.60 -13.70
CA VAL B 93 19.16 -13.21 -13.69
C VAL B 93 19.50 -12.60 -12.34
N TYR B 94 20.10 -11.42 -12.34
CA TYR B 94 20.55 -10.77 -11.11
C TYR B 94 19.69 -9.56 -10.87
N PHE B 95 18.90 -9.64 -9.80
CA PHE B 95 18.01 -8.59 -9.34
C PHE B 95 18.70 -7.76 -8.28
N CYS B 96 18.48 -6.44 -8.34
CA CYS B 96 18.71 -5.60 -7.17
C CYS B 96 17.33 -5.29 -6.56
N ALA B 97 17.25 -5.16 -5.25
CA ALA B 97 15.97 -4.94 -4.61
C ALA B 97 16.19 -4.04 -3.40
N ARG B 98 15.27 -3.09 -3.22
CA ARG B 98 15.38 -2.18 -2.11
C ARG B 98 14.81 -2.82 -0.83
N GLY B 99 15.53 -2.70 0.28
CA GLY B 99 15.05 -3.23 1.54
C GLY B 99 13.88 -2.43 2.10
N ALA B 100 13.12 -3.05 2.99
CA ALA B 100 12.04 -2.33 3.68
C ALA B 100 12.59 -1.44 4.79
N SER B 101 13.73 -1.82 5.36
CA SER B 101 14.36 -0.99 6.40
C SER B 101 15.80 -0.71 5.98
N TRP B 102 16.47 0.19 6.69
CA TRP B 102 17.81 0.58 6.28
C TRP B 102 18.75 -0.58 6.53
N ASP B 103 18.25 -1.64 7.15
CA ASP B 103 19.14 -2.57 7.85
C ASP B 103 19.07 -4.06 7.53
N ALA B 104 18.44 -4.42 6.42
CA ALA B 104 18.30 -5.85 6.02
C ALA B 104 17.16 -6.63 6.68
N ARG B 105 16.87 -6.36 7.95
CA ARG B 105 15.73 -7.01 8.60
C ARG B 105 14.43 -6.40 8.07
N GLY B 106 14.15 -6.69 6.81
CA GLY B 106 12.98 -6.15 6.12
C GLY B 106 12.88 -6.80 4.75
N TRP B 107 11.65 -6.91 4.27
CA TRP B 107 11.40 -7.57 2.99
C TRP B 107 11.77 -6.62 1.86
N SER B 108 11.55 -7.04 0.62
CA SER B 108 11.73 -6.08 -0.47
C SER B 108 10.44 -5.66 -1.13
N GLY B 109 10.26 -4.35 -1.14
CA GLY B 109 9.04 -3.77 -1.64
C GLY B 109 9.20 -3.33 -3.07
N TYR B 110 10.43 -3.34 -3.56
CA TYR B 110 10.75 -2.94 -4.94
C TYR B 110 11.89 -3.71 -5.54
N TRP B 111 11.64 -4.38 -6.66
CA TRP B 111 12.68 -5.14 -7.31
C TRP B 111 12.90 -4.55 -8.67
N GLY B 112 14.17 -4.48 -9.10
CA GLY B 112 14.50 -4.05 -10.44
C GLY B 112 14.10 -5.11 -11.46
N LYS B 113 14.01 -4.72 -12.72
CA LYS B 113 13.52 -5.63 -13.77
C LYS B 113 14.45 -6.82 -14.02
N GLY B 114 15.65 -6.77 -13.46
CA GLY B 114 16.59 -7.87 -13.60
C GLY B 114 17.64 -7.64 -14.66
N THR B 115 18.81 -8.24 -14.47
CA THR B 115 19.84 -8.21 -15.50
C THR B 115 20.29 -9.63 -15.77
N LEU B 116 20.13 -10.10 -17.01
CA LEU B 116 20.55 -11.46 -17.31
C LEU B 116 22.06 -11.53 -17.53
N VAL B 117 22.71 -12.52 -16.93
CA VAL B 117 24.14 -12.77 -17.16
C VAL B 117 24.38 -14.20 -17.65
N THR B 118 24.96 -14.34 -18.83
CA THR B 118 25.21 -15.68 -19.33
C THR B 118 26.71 -15.96 -19.27
N VAL B 119 27.08 -17.06 -18.64
CA VAL B 119 28.48 -17.45 -18.56
C VAL B 119 28.67 -18.71 -19.39
N SER B 120 29.38 -18.56 -20.50
CA SER B 120 29.62 -19.65 -21.42
C SER B 120 30.94 -19.46 -22.16
N SER B 121 31.49 -20.54 -22.71
CA SER B 121 32.71 -20.39 -23.48
C SER B 121 32.35 -20.24 -24.95
N ALA B 122 31.06 -20.22 -25.25
CA ALA B 122 30.58 -20.10 -26.60
C ALA B 122 30.71 -18.64 -27.05
N SER B 123 30.79 -18.42 -28.35
CA SER B 123 30.90 -17.07 -28.88
C SER B 123 29.64 -16.77 -29.66
N THR B 124 29.45 -15.51 -30.02
CA THR B 124 28.26 -15.11 -30.77
C THR B 124 28.09 -15.92 -32.05
N LYS B 125 26.90 -16.50 -32.23
CA LYS B 125 26.60 -17.23 -33.44
C LYS B 125 25.13 -17.05 -33.81
N GLY B 126 24.87 -16.81 -35.09
CA GLY B 126 23.51 -16.73 -35.60
C GLY B 126 22.96 -18.13 -35.88
N PRO B 127 21.62 -18.28 -35.81
CA PRO B 127 21.00 -19.59 -35.94
C PRO B 127 20.82 -20.05 -37.38
N SER B 128 20.70 -21.36 -37.58
CA SER B 128 20.22 -21.90 -38.83
C SER B 128 18.73 -22.20 -38.66
N VAL B 129 17.92 -21.85 -39.65
CA VAL B 129 16.48 -22.09 -39.54
C VAL B 129 16.03 -23.18 -40.53
N PHE B 130 15.59 -24.30 -39.97
CA PHE B 130 15.16 -25.43 -40.76
C PHE B 130 13.66 -25.58 -40.66
N PRO B 131 13.00 -26.03 -41.75
CA PRO B 131 11.55 -26.19 -41.70
C PRO B 131 11.12 -27.38 -40.85
N LEU B 132 10.03 -27.22 -40.10
CA LEU B 132 9.29 -28.37 -39.62
C LEU B 132 8.10 -28.54 -40.58
N ALA B 133 8.31 -29.30 -41.64
CA ALA B 133 7.35 -29.40 -42.76
C ALA B 133 6.08 -30.19 -42.42
N PRO B 134 4.93 -29.63 -42.77
CA PRO B 134 3.60 -30.25 -42.61
C PRO B 134 3.54 -31.53 -43.42
N SER B 135 2.73 -32.51 -43.01
CA SER B 135 2.62 -33.71 -43.81
C SER B 135 1.16 -33.97 -44.16
N SER B 136 0.95 -34.27 -45.44
CA SER B 136 -0.35 -34.68 -45.96
C SER B 136 -0.59 -36.17 -45.70
N GLY B 141 -5.57 -33.87 -37.07
CA GLY B 141 -6.86 -34.45 -37.45
C GLY B 141 -7.77 -33.48 -38.18
N GLY B 142 -7.55 -33.33 -39.49
CA GLY B 142 -8.23 -32.34 -40.32
C GLY B 142 -7.43 -31.06 -40.22
N THR B 143 -6.68 -30.93 -39.12
CA THR B 143 -5.67 -29.89 -38.93
C THR B 143 -4.28 -30.54 -38.94
N ALA B 144 -3.30 -29.78 -39.42
CA ALA B 144 -1.90 -30.18 -39.46
C ALA B 144 -1.08 -29.20 -38.64
N ALA B 145 0.16 -29.58 -38.38
CA ALA B 145 1.07 -28.75 -37.63
C ALA B 145 2.29 -28.55 -38.51
N LEU B 146 2.75 -27.31 -38.61
CA LEU B 146 4.02 -27.03 -39.26
C LEU B 146 4.81 -26.11 -38.34
N GLY B 147 6.08 -25.90 -38.63
CA GLY B 147 6.90 -25.09 -37.75
C GLY B 147 8.27 -24.74 -38.30
N CYS B 148 9.09 -24.15 -37.43
CA CYS B 148 10.48 -23.79 -37.71
C CYS B 148 11.32 -24.25 -36.57
N LEU B 149 12.48 -24.75 -36.91
CA LEU B 149 13.49 -25.12 -35.94
C LEU B 149 14.62 -24.12 -36.09
N VAL B 150 14.80 -23.32 -35.04
CA VAL B 150 15.82 -22.29 -34.95
C VAL B 150 16.96 -22.92 -34.19
N LYS B 151 18.11 -23.10 -34.81
CA LYS B 151 19.08 -24.02 -34.24
C LYS B 151 20.51 -23.47 -34.15
N ASP B 152 21.22 -23.85 -33.09
CA ASP B 152 22.64 -23.54 -32.92
C ASP B 152 22.95 -22.04 -32.94
N TYR B 153 22.38 -21.31 -32.00
CA TYR B 153 22.69 -19.89 -31.85
C TYR B 153 23.20 -19.61 -30.43
N PHE B 154 23.71 -18.40 -30.25
CA PHE B 154 24.23 -17.94 -28.99
C PHE B 154 24.44 -16.46 -29.14
N PRO B 155 24.09 -15.67 -28.10
CA PRO B 155 23.41 -16.13 -26.88
C PRO B 155 21.91 -15.94 -27.06
N GLU B 156 21.13 -16.14 -26.01
CA GLU B 156 19.73 -15.75 -26.06
C GLU B 156 19.70 -14.24 -26.22
N PRO B 157 18.57 -13.67 -26.66
CA PRO B 157 17.26 -14.25 -27.00
C PRO B 157 17.01 -14.39 -28.50
N VAL B 158 15.90 -15.03 -28.84
CA VAL B 158 15.48 -15.10 -30.24
C VAL B 158 14.02 -14.74 -30.24
N THR B 159 13.54 -14.05 -31.27
CA THR B 159 12.10 -13.82 -31.40
C THR B 159 11.57 -14.50 -32.67
N VAL B 160 10.38 -15.11 -32.57
CA VAL B 160 9.73 -15.72 -33.71
C VAL B 160 8.29 -15.24 -33.86
N SER B 161 7.95 -14.80 -35.06
CA SER B 161 6.56 -14.53 -35.38
C SER B 161 6.19 -15.26 -36.66
N TRP B 162 4.91 -15.27 -37.02
CA TRP B 162 4.49 -15.97 -38.22
C TRP B 162 3.72 -15.05 -39.15
N ASN B 163 4.14 -15.01 -40.41
CA ASN B 163 3.54 -14.12 -41.39
C ASN B 163 3.51 -12.68 -40.92
N SER B 164 4.68 -12.21 -40.46
CA SER B 164 4.91 -10.80 -40.16
C SER B 164 3.97 -10.27 -39.10
N GLY B 165 3.40 -11.19 -38.32
CA GLY B 165 2.53 -10.83 -37.23
C GLY B 165 1.07 -11.21 -37.45
N ALA B 166 0.73 -11.59 -38.67
CA ALA B 166 -0.67 -11.83 -39.05
C ALA B 166 -1.27 -13.16 -38.53
N LEU B 167 -0.42 -14.17 -38.39
CA LEU B 167 -0.83 -15.47 -37.88
C LEU B 167 -0.40 -15.63 -36.44
N THR B 168 -1.36 -15.59 -35.52
CA THR B 168 -1.05 -15.71 -34.10
C THR B 168 -1.81 -16.84 -33.43
N SER B 169 -3.06 -17.07 -33.83
CA SER B 169 -3.81 -18.20 -33.30
C SER B 169 -3.14 -19.52 -33.61
N GLY B 170 -2.94 -20.34 -32.58
CA GLY B 170 -2.43 -21.68 -32.79
C GLY B 170 -0.91 -21.75 -32.73
N VAL B 171 -0.27 -20.59 -32.69
CA VAL B 171 1.17 -20.53 -32.60
C VAL B 171 1.65 -20.93 -31.18
N HIS B 172 2.67 -21.78 -31.13
CA HIS B 172 3.39 -22.08 -29.90
C HIS B 172 4.88 -22.00 -30.19
N THR B 173 5.53 -20.95 -29.69
CA THR B 173 6.97 -20.85 -29.73
C THR B 173 7.47 -21.35 -28.39
N PHE B 174 8.40 -22.29 -28.42
CA PHE B 174 8.85 -22.94 -27.18
C PHE B 174 10.06 -22.24 -26.58
N PRO B 175 10.25 -22.42 -25.27
CA PRO B 175 11.45 -21.98 -24.57
C PRO B 175 12.66 -22.66 -25.18
N ALA B 176 13.79 -21.98 -25.32
CA ALA B 176 14.97 -22.61 -25.90
C ALA B 176 15.55 -23.68 -24.97
N VAL B 177 16.35 -24.58 -25.52
CA VAL B 177 17.12 -25.49 -24.70
C VAL B 177 18.58 -25.36 -25.07
N LEU B 178 19.45 -25.71 -24.13
CA LEU B 178 20.88 -25.53 -24.29
C LEU B 178 21.51 -26.90 -24.54
N GLN B 179 22.15 -27.06 -25.70
CA GLN B 179 22.64 -28.36 -26.12
C GLN B 179 24.05 -28.57 -25.59
N SER B 180 24.60 -29.76 -25.81
CA SER B 180 25.95 -30.09 -25.29
C SER B 180 26.94 -29.11 -25.84
N SER B 181 26.67 -28.62 -27.05
CA SER B 181 27.57 -27.71 -27.78
C SER B 181 27.80 -26.35 -27.11
N GLY B 182 26.92 -25.98 -26.19
CA GLY B 182 26.94 -24.66 -25.61
C GLY B 182 26.03 -23.73 -26.40
N LEU B 183 25.50 -24.25 -27.51
CA LEU B 183 24.58 -23.50 -28.37
C LEU B 183 23.13 -23.80 -28.06
N TYR B 184 22.28 -22.82 -28.38
CA TYR B 184 20.87 -22.91 -28.05
C TYR B 184 20.06 -23.39 -29.23
N SER B 185 18.91 -23.96 -28.93
CA SER B 185 18.02 -24.41 -29.98
C SER B 185 16.59 -24.21 -29.55
N LEU B 186 15.77 -23.76 -30.48
CA LEU B 186 14.40 -23.41 -30.21
C LEU B 186 13.48 -23.87 -31.36
N SER B 187 12.21 -24.16 -31.08
CA SER B 187 11.25 -24.41 -32.16
C SER B 187 9.94 -23.63 -31.98
N SER B 188 9.32 -23.29 -33.10
CA SER B 188 8.05 -22.57 -33.11
C SER B 188 7.10 -23.24 -34.10
N VAL B 189 5.92 -23.63 -33.64
CA VAL B 189 5.01 -24.41 -34.48
C VAL B 189 3.61 -23.79 -34.46
N VAL B 190 2.80 -24.15 -35.45
CA VAL B 190 1.42 -23.68 -35.54
C VAL B 190 0.52 -24.73 -36.15
N THR B 191 -0.68 -24.85 -35.60
CA THR B 191 -1.71 -25.71 -36.16
C THR B 191 -2.58 -24.93 -37.13
N VAL B 192 -2.90 -25.56 -38.23
CA VAL B 192 -3.50 -24.90 -39.36
C VAL B 192 -4.39 -25.94 -40.04
N PRO B 193 -5.40 -25.49 -40.79
CA PRO B 193 -6.21 -26.53 -41.39
C PRO B 193 -5.49 -27.20 -42.57
N SER B 194 -5.58 -28.53 -42.67
CA SER B 194 -4.98 -29.28 -43.76
C SER B 194 -5.37 -28.70 -45.12
N SER B 195 -6.63 -28.29 -45.24
CA SER B 195 -7.11 -27.73 -46.49
C SER B 195 -6.31 -26.50 -46.93
N SER B 196 -5.60 -25.87 -46.01
CA SER B 196 -4.90 -24.61 -46.28
C SER B 196 -3.53 -24.81 -46.93
N LEU B 197 -2.96 -26.00 -46.72
CA LEU B 197 -1.55 -26.22 -46.97
C LEU B 197 -0.98 -25.67 -48.28
N GLY B 198 -1.49 -26.13 -49.40
CA GLY B 198 -0.93 -25.71 -50.67
C GLY B 198 -1.23 -24.27 -51.11
N THR B 199 -2.24 -23.64 -50.51
CA THR B 199 -2.64 -22.29 -50.93
C THR B 199 -2.27 -21.13 -49.99
N GLN B 200 -2.40 -21.34 -48.68
CA GLN B 200 -1.93 -20.32 -47.76
C GLN B 200 -0.42 -20.46 -47.58
N THR B 201 0.28 -19.34 -47.69
CA THR B 201 1.72 -19.29 -47.46
C THR B 201 2.00 -19.13 -45.96
N TYR B 202 2.95 -19.91 -45.46
CA TYR B 202 3.36 -19.78 -44.06
C TYR B 202 4.84 -19.48 -43.96
N ILE B 203 5.18 -18.28 -43.48
CA ILE B 203 6.56 -17.87 -43.31
C ILE B 203 6.86 -17.58 -41.85
N CYS B 204 7.99 -18.08 -41.36
CA CYS B 204 8.39 -17.75 -40.00
C CYS B 204 9.49 -16.70 -39.99
N ASN B 205 9.26 -15.67 -39.17
CA ASN B 205 10.16 -14.55 -39.01
C ASN B 205 10.96 -14.72 -37.74
N VAL B 206 12.25 -14.98 -37.92
CA VAL B 206 13.18 -15.19 -36.84
C VAL B 206 14.13 -14.02 -36.71
N ASN B 207 14.33 -13.58 -35.48
CA ASN B 207 15.25 -12.49 -35.18
C ASN B 207 16.23 -12.90 -34.09
N HIS B 208 17.51 -12.78 -34.38
CA HIS B 208 18.54 -12.99 -33.38
C HIS B 208 19.41 -11.76 -33.32
N LYS B 209 18.93 -10.76 -32.57
CA LYS B 209 19.61 -9.46 -32.46
C LYS B 209 21.10 -9.49 -32.07
N PRO B 210 21.51 -10.38 -31.16
CA PRO B 210 22.93 -10.44 -30.83
C PRO B 210 23.88 -10.73 -31.99
N SER B 211 23.40 -11.35 -33.06
CA SER B 211 24.24 -11.67 -34.22
C SER B 211 23.77 -10.91 -35.46
N ASN B 212 22.84 -9.98 -35.25
CA ASN B 212 22.20 -9.26 -36.35
C ASN B 212 21.62 -10.17 -37.42
N THR B 213 20.91 -11.20 -36.98
CA THR B 213 20.30 -12.13 -37.92
C THR B 213 18.80 -11.94 -37.97
N LYS B 214 18.32 -11.65 -39.17
CA LYS B 214 16.91 -11.52 -39.44
C LYS B 214 16.66 -12.53 -40.57
N VAL B 215 15.67 -13.39 -40.40
CA VAL B 215 15.51 -14.48 -41.34
C VAL B 215 14.06 -14.81 -41.54
N ASP B 216 13.64 -14.93 -42.79
CA ASP B 216 12.29 -15.34 -43.05
C ASP B 216 12.41 -16.65 -43.77
N LYS B 217 11.68 -17.64 -43.30
CA LYS B 217 11.74 -18.95 -43.94
C LYS B 217 10.34 -19.43 -44.23
N ARG B 218 10.11 -19.73 -45.51
CA ARG B 218 8.83 -20.23 -45.93
C ARG B 218 8.81 -21.71 -45.63
N VAL B 219 7.69 -22.17 -45.08
CA VAL B 219 7.51 -23.58 -44.73
C VAL B 219 6.40 -24.16 -45.61
N GLU B 220 6.76 -25.22 -46.32
CA GLU B 220 5.85 -25.90 -47.24
C GLU B 220 6.03 -27.41 -47.02
N PRO B 221 5.08 -28.22 -47.52
CA PRO B 221 5.24 -29.68 -47.45
C PRO B 221 6.46 -30.15 -48.23
N LYS B 222 7.09 -31.25 -47.81
CA LYS B 222 8.22 -31.83 -48.55
C LYS B 222 7.71 -32.72 -49.71
N SER B 223 8.36 -32.69 -50.88
CA SER B 223 7.97 -33.61 -51.96
C SER B 223 8.15 -35.08 -51.59
N ASP C 1 -32.85 7.06 8.27
CA ASP C 1 -31.75 6.29 7.68
C ASP C 1 -31.32 5.20 8.66
N ILE C 2 -30.19 4.57 8.40
CA ILE C 2 -29.64 3.58 9.32
C ILE C 2 -28.76 4.27 10.37
N GLN C 3 -29.18 4.26 11.63
CA GLN C 3 -28.42 4.96 12.66
C GLN C 3 -27.28 4.08 13.18
N MET C 4 -26.06 4.61 13.20
CA MET C 4 -24.92 3.88 13.75
C MET C 4 -24.55 4.44 15.13
N THR C 5 -24.35 3.55 16.09
CA THR C 5 -24.12 3.94 17.48
C THR C 5 -22.95 3.18 18.04
N GLN C 6 -21.90 3.91 18.39
CA GLN C 6 -20.69 3.32 18.92
C GLN C 6 -20.73 3.42 20.42
N SER C 7 -19.98 2.55 21.09
CA SER C 7 -19.87 2.57 22.53
C SER C 7 -18.49 2.05 22.91
N PRO C 8 -17.77 2.77 23.79
CA PRO C 8 -18.12 4.01 24.50
C PRO C 8 -17.72 5.23 23.68
N ASP C 9 -17.97 6.42 24.20
CA ASP C 9 -17.61 7.68 23.55
C ASP C 9 -16.10 7.93 23.63
N SER C 10 -15.55 7.55 24.77
CA SER C 10 -14.14 7.71 25.03
C SER C 10 -13.67 6.42 25.70
N LEU C 11 -12.44 6.03 25.43
CA LEU C 11 -11.91 4.78 25.92
C LEU C 11 -10.44 5.03 26.25
N ALA C 12 -10.03 4.61 27.44
CA ALA C 12 -8.66 4.84 27.86
C ALA C 12 -7.97 3.51 28.07
N VAL C 13 -6.86 3.29 27.37
CA VAL C 13 -6.13 2.04 27.52
C VAL C 13 -4.62 2.28 27.63
N SER C 14 -3.92 1.45 28.40
CA SER C 14 -2.50 1.64 28.55
C SER C 14 -1.81 0.97 27.39
N LEU C 15 -0.59 1.40 27.09
CA LEU C 15 0.17 0.83 25.98
C LEU C 15 0.32 -0.67 26.17
N GLY C 16 0.21 -1.41 25.08
CA GLY C 16 0.34 -2.85 25.12
C GLY C 16 -0.90 -3.61 25.51
N GLU C 17 -1.93 -2.91 25.99
CA GLU C 17 -3.18 -3.55 26.38
C GLU C 17 -4.19 -3.60 25.23
N ARG C 18 -5.30 -4.31 25.46
CA ARG C 18 -6.28 -4.54 24.42
C ARG C 18 -7.33 -3.44 24.48
N ALA C 19 -7.80 -3.01 23.32
CA ALA C 19 -8.82 -1.99 23.23
C ALA C 19 -10.00 -2.54 22.44
N THR C 20 -11.20 -2.24 22.91
CA THR C 20 -12.42 -2.81 22.37
C THR C 20 -13.47 -1.74 22.16
N ILE C 21 -13.92 -1.58 20.93
CA ILE C 21 -14.96 -0.62 20.59
C ILE C 21 -16.14 -1.35 19.95
N ASN C 22 -17.35 -0.93 20.31
CA ASN C 22 -18.55 -1.61 19.84
C ASN C 22 -19.35 -0.69 18.93
N CYS C 23 -19.96 -1.28 17.89
CA CYS C 23 -20.85 -0.60 16.97
C CYS C 23 -22.17 -1.36 16.91
N LYS C 24 -23.27 -0.65 17.07
CA LYS C 24 -24.60 -1.23 16.84
C LYS C 24 -25.29 -0.40 15.76
N SER C 25 -25.90 -1.08 14.78
CA SER C 25 -26.61 -0.36 13.73
C SER C 25 -28.11 -0.48 13.98
N SER C 26 -28.89 0.53 13.60
CA SER C 26 -30.32 0.52 13.91
C SER C 26 -31.06 -0.50 13.04
N GLN C 27 -30.40 -0.91 11.96
CA GLN C 27 -30.95 -1.92 11.06
C GLN C 27 -29.83 -2.86 10.63
N SER C 28 -30.18 -4.06 10.19
CA SER C 28 -29.20 -5.06 9.74
C SER C 28 -28.47 -4.66 8.46
N VAL C 29 -27.17 -4.93 8.42
CA VAL C 29 -26.34 -4.55 7.28
C VAL C 29 -25.75 -5.81 6.67
N PHE C 30 -26.47 -6.92 6.80
CA PHE C 30 -26.10 -8.21 6.20
C PHE C 30 -26.89 -8.48 4.90
N SER C 31 -26.23 -9.03 3.89
CA SER C 31 -26.92 -9.38 2.65
C SER C 31 -27.06 -10.89 2.48
N SER C 32 -28.29 -11.37 2.39
CA SER C 32 -28.52 -12.78 2.13
C SER C 32 -27.97 -13.16 0.77
N SER C 33 -27.96 -12.19 -0.15
CA SER C 33 -27.44 -12.41 -1.50
C SER C 33 -25.94 -12.71 -1.58
N THR C 34 -25.16 -11.90 -0.86
CA THR C 34 -23.71 -11.94 -0.93
C THR C 34 -23.07 -12.49 0.35
N ASN C 35 -23.89 -12.75 1.36
CA ASN C 35 -23.40 -13.16 2.69
C ASN C 35 -22.26 -12.29 3.24
N LYS C 36 -22.41 -10.97 3.08
CA LYS C 36 -21.38 -10.06 3.55
C LYS C 36 -22.04 -9.01 4.44
N ASN C 37 -21.30 -8.55 5.44
CA ASN C 37 -21.77 -7.44 6.25
C ASN C 37 -21.17 -6.16 5.71
N TYR C 38 -22.01 -5.25 5.27
CA TYR C 38 -21.55 -4.05 4.61
C TYR C 38 -21.14 -2.99 5.64
N LEU C 39 -20.04 -3.24 6.35
CA LEU C 39 -19.67 -2.45 7.53
C LEU C 39 -18.16 -2.19 7.47
N ALA C 40 -17.74 -0.96 7.74
CA ALA C 40 -16.31 -0.66 7.77
C ALA C 40 -15.88 0.11 9.01
N TRP C 41 -14.59 -0.01 9.36
CA TRP C 41 -14.00 0.70 10.47
C TRP C 41 -12.86 1.59 9.96
N TYR C 42 -12.84 2.82 10.50
CA TYR C 42 -11.90 3.88 10.16
C TYR C 42 -11.16 4.49 11.34
N GLN C 43 -9.92 4.89 11.09
CA GLN C 43 -9.10 5.62 12.04
C GLN C 43 -9.00 7.06 11.56
N GLN C 44 -9.03 8.01 12.51
CA GLN C 44 -8.86 9.42 12.20
C GLN C 44 -8.11 10.22 13.27
N LYS C 45 -6.95 10.72 12.86
CA LYS C 45 -6.11 11.59 13.66
C LYS C 45 -6.36 13.03 13.20
N PRO C 46 -6.19 14.00 14.10
CA PRO C 46 -6.46 15.41 13.79
C PRO C 46 -5.73 15.96 12.54
N GLY C 47 -6.44 16.75 11.73
CA GLY C 47 -5.88 17.33 10.52
C GLY C 47 -6.05 16.39 9.33
N GLN C 48 -5.92 15.10 9.62
CA GLN C 48 -5.91 14.08 8.61
C GLN C 48 -7.32 13.61 8.31
N PRO C 49 -7.56 13.09 7.09
CA PRO C 49 -8.82 12.45 6.72
C PRO C 49 -8.89 11.05 7.36
N PRO C 50 -10.06 10.42 7.33
CA PRO C 50 -10.21 9.06 7.85
C PRO C 50 -9.44 8.06 7.00
N LYS C 51 -8.97 6.98 7.61
CA LYS C 51 -8.27 5.95 6.90
C LYS C 51 -8.91 4.58 7.23
N VAL C 52 -9.40 3.82 6.22
CA VAL C 52 -9.99 2.50 6.50
C VAL C 52 -9.00 1.54 7.11
N LEU C 53 -9.47 0.83 8.12
CA LEU C 53 -8.74 -0.29 8.67
C LEU C 53 -9.41 -1.57 8.22
N ILE C 54 -10.76 -1.57 8.22
CA ILE C 54 -11.49 -2.83 8.04
C ILE C 54 -12.79 -2.68 7.25
N TYR C 55 -13.08 -3.61 6.35
CA TYR C 55 -14.35 -3.57 5.61
C TYR C 55 -14.94 -4.99 5.54
N TRP C 56 -16.18 -5.11 5.05
CA TRP C 56 -16.95 -6.37 5.15
C TRP C 56 -16.88 -6.84 6.61
N SER C 57 -17.00 -5.87 7.50
CA SER C 57 -16.99 -6.06 8.95
C SER C 57 -15.70 -6.71 9.49
N SER C 58 -15.04 -7.54 8.68
CA SER C 58 -13.87 -8.26 9.18
C SER C 58 -12.63 -8.31 8.27
N THR C 59 -12.68 -7.69 7.09
CA THR C 59 -11.50 -7.79 6.23
C THR C 59 -10.60 -6.60 6.47
N ARG C 60 -9.33 -6.93 6.70
CA ARG C 60 -8.32 -5.95 6.98
C ARG C 60 -7.79 -5.35 5.67
N GLU C 61 -7.76 -4.02 5.62
CA GLU C 61 -7.28 -3.28 4.44
C GLU C 61 -5.77 -3.48 4.27
N SER C 62 -5.23 -3.19 3.09
CA SER C 62 -3.81 -3.34 2.93
C SER C 62 -3.07 -2.40 3.87
N GLY C 63 -1.92 -2.83 4.36
CA GLY C 63 -1.12 -1.96 5.20
C GLY C 63 -1.49 -2.00 6.66
N VAL C 64 -2.72 -2.43 6.95
CA VAL C 64 -3.19 -2.61 8.31
C VAL C 64 -2.64 -3.89 8.98
N PRO C 65 -1.91 -3.73 10.11
CA PRO C 65 -1.32 -4.84 10.88
C PRO C 65 -2.38 -5.75 11.49
N ASP C 66 -2.05 -7.03 11.75
CA ASP C 66 -3.05 -7.98 12.26
C ASP C 66 -3.45 -7.75 13.72
N ARG C 67 -2.83 -6.79 14.39
CA ARG C 67 -3.25 -6.55 15.76
C ARG C 67 -4.62 -5.87 15.81
N PHE C 68 -5.05 -5.34 14.67
CA PHE C 68 -6.42 -4.88 14.47
C PHE C 68 -7.21 -6.07 13.95
N SER C 69 -8.42 -6.25 14.47
CA SER C 69 -9.30 -7.35 14.07
C SER C 69 -10.71 -6.89 14.35
N ALA C 70 -11.68 -7.34 13.58
CA ALA C 70 -13.05 -6.97 13.87
C ALA C 70 -13.98 -8.13 13.63
N SER C 71 -15.13 -8.10 14.27
CA SER C 71 -16.07 -9.21 14.09
C SER C 71 -17.51 -8.75 14.29
N GLY C 72 -18.42 -9.68 14.14
CA GLY C 72 -19.83 -9.38 14.31
C GLY C 72 -20.60 -9.53 13.03
N SER C 73 -21.92 -9.54 13.15
CA SER C 73 -22.74 -9.74 11.97
C SER C 73 -24.09 -9.06 12.21
N GLY C 74 -24.71 -8.53 11.16
CA GLY C 74 -26.07 -8.04 11.26
C GLY C 74 -26.24 -6.69 11.93
N THR C 75 -26.28 -6.64 13.26
CA THR C 75 -26.36 -5.35 13.94
C THR C 75 -25.28 -5.09 15.01
N ASP C 76 -24.61 -6.13 15.49
CA ASP C 76 -23.55 -6.00 16.48
C ASP C 76 -22.23 -6.28 15.88
N PHE C 77 -21.34 -5.28 16.00
CA PHE C 77 -19.98 -5.35 15.49
C PHE C 77 -19.00 -4.87 16.54
N THR C 78 -17.77 -5.36 16.44
CA THR C 78 -16.77 -5.06 17.42
C THR C 78 -15.37 -4.99 16.80
N LEU C 79 -14.76 -3.82 16.94
CA LEU C 79 -13.37 -3.62 16.59
C LEU C 79 -12.48 -3.86 17.80
N THR C 80 -11.37 -4.52 17.58
CA THR C 80 -10.40 -4.83 18.61
C THR C 80 -9.00 -4.49 18.15
N ILE C 81 -8.31 -3.78 19.02
CA ILE C 81 -6.88 -3.49 18.86
C ILE C 81 -6.12 -4.26 19.94
N SER C 82 -5.50 -5.36 19.53
CA SER C 82 -5.01 -6.35 20.48
C SER C 82 -3.87 -5.87 21.38
N SER C 83 -2.97 -5.06 20.84
CA SER C 83 -1.84 -4.59 21.64
C SER C 83 -1.54 -3.13 21.36
N LEU C 84 -2.18 -2.25 22.11
CA LEU C 84 -2.23 -0.82 21.77
C LEU C 84 -0.82 -0.21 21.68
N GLN C 85 -0.53 0.44 20.55
CA GLN C 85 0.74 1.15 20.36
C GLN C 85 0.41 2.64 20.36
N ALA C 86 1.41 3.49 20.52
CA ALA C 86 1.16 4.94 20.57
C ALA C 86 0.52 5.47 19.30
N ALA C 87 0.84 4.87 18.17
CA ALA C 87 0.30 5.35 16.91
C ALA C 87 -1.20 5.02 16.78
N ASP C 88 -1.70 4.19 17.68
CA ASP C 88 -3.09 3.77 17.58
C ASP C 88 -4.02 4.77 18.25
N VAL C 89 -3.45 5.74 18.95
CA VAL C 89 -4.22 6.77 19.63
C VAL C 89 -4.90 7.72 18.64
N ALA C 90 -6.24 7.65 18.59
CA ALA C 90 -7.00 8.33 17.55
C ALA C 90 -8.48 8.26 17.80
N VAL C 91 -9.27 8.79 16.89
CA VAL C 91 -10.70 8.56 16.96
C VAL C 91 -11.13 7.48 15.94
N TYR C 92 -12.01 6.57 16.34
CA TYR C 92 -12.46 5.49 15.46
C TYR C 92 -13.93 5.61 15.09
N TYR C 93 -14.23 5.41 13.79
CA TYR C 93 -15.62 5.50 13.32
C TYR C 93 -16.03 4.21 12.64
N CYS C 94 -17.25 3.76 12.90
CA CYS C 94 -17.83 2.67 12.12
C CYS C 94 -18.65 3.31 11.00
N HIS C 95 -19.00 2.52 10.00
CA HIS C 95 -19.59 3.04 8.78
C HIS C 95 -20.42 1.93 8.14
N GLN C 96 -21.72 2.16 7.92
CA GLN C 96 -22.49 1.19 7.13
C GLN C 96 -22.53 1.69 5.71
N TYR C 97 -22.40 0.78 4.75
CA TYR C 97 -22.56 1.14 3.35
C TYR C 97 -23.51 0.16 2.66
N TYR C 98 -24.45 -0.39 3.42
CA TYR C 98 -25.44 -1.33 2.90
C TYR C 98 -26.37 -0.59 1.96
N THR C 99 -26.69 0.65 2.31
CA THR C 99 -27.56 1.52 1.52
C THR C 99 -27.13 2.99 1.61
N ALA C 100 -27.44 3.77 0.58
CA ALA C 100 -27.34 5.22 0.67
C ALA C 100 -28.48 5.65 1.58
N PRO C 101 -28.26 6.66 2.43
CA PRO C 101 -27.04 7.39 2.71
C PRO C 101 -26.06 6.58 3.53
N TRP C 102 -24.78 6.75 3.23
CA TRP C 102 -23.74 6.37 4.15
C TRP C 102 -24.06 7.03 5.48
N THR C 103 -23.97 6.28 6.54
CA THR C 103 -24.10 6.84 7.85
C THR C 103 -22.91 6.33 8.63
N PHE C 104 -22.46 7.10 9.61
CA PHE C 104 -21.32 6.71 10.43
C PHE C 104 -21.72 6.77 11.87
N GLY C 105 -20.99 6.05 12.72
CA GLY C 105 -21.14 6.21 14.15
C GLY C 105 -20.60 7.57 14.58
N GLN C 106 -20.75 7.88 15.86
CA GLN C 106 -20.41 9.23 16.34
C GLN C 106 -18.91 9.34 16.59
N GLY C 107 -18.25 8.20 16.73
CA GLY C 107 -16.82 8.16 16.99
C GLY C 107 -16.45 7.81 18.43
N THR C 108 -15.44 6.96 18.58
CA THR C 108 -14.90 6.58 19.87
C THR C 108 -13.48 7.11 19.96
N LYS C 109 -13.25 8.06 20.88
CA LYS C 109 -11.90 8.59 21.08
C LYS C 109 -11.10 7.59 21.92
N VAL C 110 -9.91 7.23 21.46
CA VAL C 110 -9.12 6.27 22.19
C VAL C 110 -7.89 7.01 22.68
N GLU C 111 -7.68 6.98 23.98
CA GLU C 111 -6.61 7.75 24.60
C GLU C 111 -5.79 6.89 25.55
N ILE C 112 -4.64 7.44 25.96
CA ILE C 112 -3.77 6.75 26.89
C ILE C 112 -4.24 6.93 28.33
N LYS C 113 -4.36 5.81 29.02
CA LYS C 113 -4.78 5.81 30.42
C LYS C 113 -3.60 6.12 31.37
N ARG C 114 -3.88 6.89 32.41
CA ARG C 114 -2.85 7.21 33.38
C ARG C 114 -3.54 7.28 34.75
N THR C 115 -2.75 7.38 35.82
CA THR C 115 -3.33 7.55 37.17
C THR C 115 -4.03 8.92 37.22
N VAL C 116 -5.07 9.05 38.04
CA VAL C 116 -5.84 10.29 38.07
C VAL C 116 -5.06 11.43 38.72
N ALA C 117 -5.11 12.60 38.10
CA ALA C 117 -4.38 13.76 38.60
C ALA C 117 -5.35 14.93 38.68
N ALA C 118 -5.24 15.72 39.73
CA ALA C 118 -6.14 16.84 39.91
C ALA C 118 -5.58 18.07 39.21
N PRO C 119 -6.46 19.00 38.83
CA PRO C 119 -6.00 20.16 38.07
C PRO C 119 -5.45 21.21 39.00
N SER C 120 -4.44 21.95 38.58
CA SER C 120 -4.08 23.14 39.32
C SER C 120 -4.95 24.24 38.75
N VAL C 121 -5.63 24.99 39.61
CA VAL C 121 -6.54 26.02 39.13
C VAL C 121 -5.98 27.43 39.32
N PHE C 122 -6.14 28.27 38.29
CA PHE C 122 -5.71 29.65 38.37
C PHE C 122 -6.77 30.59 37.79
N ILE C 123 -6.87 31.81 38.32
CA ILE C 123 -7.81 32.77 37.76
C ILE C 123 -7.05 34.02 37.34
N PHE C 124 -7.55 34.70 36.30
CA PHE C 124 -6.89 35.87 35.73
C PHE C 124 -7.93 36.94 35.44
N PRO C 125 -7.80 38.10 36.08
CA PRO C 125 -8.72 39.21 35.82
C PRO C 125 -8.34 39.93 34.53
N PRO C 126 -9.29 40.67 33.93
CA PRO C 126 -9.04 41.39 32.68
C PRO C 126 -7.88 42.34 32.84
N SER C 127 -7.12 42.54 31.76
CA SER C 127 -6.05 43.52 31.80
C SER C 127 -6.69 44.90 31.90
N ASP C 128 -5.94 45.86 32.39
CA ASP C 128 -6.46 47.21 32.51
C ASP C 128 -6.60 47.83 31.11
N GLU C 129 -5.73 47.45 30.18
CA GLU C 129 -5.85 47.97 28.81
C GLU C 129 -7.03 47.40 28.04
N GLN C 130 -7.45 46.19 28.39
CA GLN C 130 -8.59 45.62 27.70
C GLN C 130 -9.85 46.30 28.19
N LEU C 131 -9.84 46.67 29.46
CA LEU C 131 -10.98 47.37 30.06
C LEU C 131 -11.28 48.74 29.40
N LYS C 132 -10.26 49.38 28.83
CA LYS C 132 -10.48 50.61 28.08
C LYS C 132 -11.44 50.38 26.91
N SER C 133 -11.32 49.22 26.28
CA SER C 133 -12.13 48.84 25.13
C SER C 133 -13.60 48.53 25.40
N GLY C 134 -14.03 48.55 26.65
CA GLY C 134 -15.43 48.35 26.96
C GLY C 134 -15.81 46.89 27.17
N THR C 135 -14.80 46.02 27.13
CA THR C 135 -15.01 44.59 27.38
C THR C 135 -13.99 44.00 28.35
N ALA C 136 -14.48 43.04 29.13
CA ALA C 136 -13.70 42.40 30.19
C ALA C 136 -13.72 40.88 30.04
N SER C 137 -12.55 40.28 30.17
CA SER C 137 -12.43 38.84 30.00
C SER C 137 -11.76 38.23 31.20
N VAL C 138 -12.52 37.46 31.97
CA VAL C 138 -11.92 36.70 33.05
C VAL C 138 -11.56 35.31 32.56
N VAL C 139 -10.36 34.85 32.89
CA VAL C 139 -9.90 33.55 32.42
C VAL C 139 -9.64 32.62 33.59
N CYS C 140 -10.15 31.41 33.49
CA CYS C 140 -9.85 30.38 34.48
C CYS C 140 -9.02 29.34 33.76
N LEU C 141 -7.94 28.90 34.40
CA LEU C 141 -7.04 27.92 33.83
C LEU C 141 -7.07 26.65 34.67
N LEU C 142 -7.28 25.50 34.03
CA LEU C 142 -7.16 24.20 34.70
C LEU C 142 -5.98 23.48 34.08
N ASN C 143 -4.90 23.34 34.85
CA ASN C 143 -3.63 22.84 34.36
C ASN C 143 -3.35 21.39 34.75
N ASN C 144 -3.06 20.60 33.72
CA ASN C 144 -2.54 19.25 33.85
C ASN C 144 -3.32 18.31 34.73
N PHE C 145 -4.51 17.93 34.27
CA PHE C 145 -5.39 17.03 35.01
C PHE C 145 -5.77 15.81 34.15
N TYR C 146 -6.29 14.78 34.81
CA TYR C 146 -6.82 13.58 34.16
C TYR C 146 -7.75 12.89 35.15
N PRO C 147 -8.91 12.33 34.67
CA PRO C 147 -9.33 12.25 33.26
C PRO C 147 -9.94 13.54 32.73
N ARG C 148 -10.52 13.51 31.55
CA ARG C 148 -10.86 14.76 30.86
C ARG C 148 -12.02 15.51 31.53
N GLU C 149 -12.89 14.79 32.22
CA GLU C 149 -14.15 15.36 32.73
C GLU C 149 -13.90 16.38 33.82
N ALA C 150 -14.49 17.55 33.64
CA ALA C 150 -14.25 18.68 34.51
C ALA C 150 -15.39 19.66 34.43
N LYS C 151 -15.87 20.14 35.57
CA LYS C 151 -16.85 21.21 35.54
C LYS C 151 -16.22 22.53 35.96
N VAL C 152 -16.39 23.53 35.12
CA VAL C 152 -16.01 24.88 35.45
C VAL C 152 -17.27 25.73 35.53
N GLN C 153 -17.51 26.28 36.70
CA GLN C 153 -18.67 27.12 36.91
C GLN C 153 -18.29 28.54 37.34
N TRP C 154 -18.80 29.54 36.63
CA TRP C 154 -18.50 30.91 37.01
C TRP C 154 -19.51 31.43 38.02
N LYS C 155 -19.00 32.02 39.09
CA LYS C 155 -19.82 32.59 40.14
C LYS C 155 -19.45 34.05 40.32
N VAL C 156 -20.42 34.94 40.16
CA VAL C 156 -20.14 36.35 40.33
C VAL C 156 -20.92 36.95 41.50
N ASP C 157 -20.19 37.26 42.57
CA ASP C 157 -20.82 37.68 43.82
C ASP C 157 -21.76 36.54 44.26
N ASN C 158 -21.31 35.31 43.98
CA ASN C 158 -22.00 34.05 44.26
C ASN C 158 -23.16 33.70 43.33
N ALA C 159 -23.36 34.52 42.32
CA ALA C 159 -24.38 34.30 41.30
C ALA C 159 -23.82 33.41 40.20
N LEU C 160 -24.26 32.15 40.17
CA LEU C 160 -23.78 31.19 39.20
C LEU C 160 -23.98 31.76 37.79
N GLN C 161 -22.96 31.69 36.97
CA GLN C 161 -23.04 32.37 35.68
C GLN C 161 -23.50 31.38 34.63
N SER C 162 -24.10 31.91 33.57
CA SER C 162 -24.66 31.01 32.58
C SER C 162 -24.76 31.64 31.19
N GLY C 163 -24.19 30.96 30.20
CA GLY C 163 -24.36 31.42 28.83
C GLY C 163 -23.36 32.48 28.38
N ASN C 164 -22.43 32.85 29.26
CA ASN C 164 -21.55 33.95 28.95
C ASN C 164 -20.10 33.56 29.17
N SER C 165 -19.84 32.27 29.08
CA SER C 165 -18.47 31.75 29.15
C SER C 165 -18.21 30.77 27.99
N GLN C 166 -16.95 30.45 27.75
CA GLN C 166 -16.60 29.49 26.72
C GLN C 166 -15.38 28.66 27.14
N GLU C 167 -15.35 27.40 26.73
CA GLU C 167 -14.27 26.51 27.16
C GLU C 167 -13.45 26.03 25.97
N SER C 168 -12.21 25.63 26.24
CA SER C 168 -11.32 25.09 25.21
C SER C 168 -10.35 24.13 25.88
N VAL C 169 -10.14 22.98 25.27
CA VAL C 169 -9.35 21.92 25.90
C VAL C 169 -8.18 21.40 25.04
N THR C 170 -7.05 21.26 25.70
CA THR C 170 -5.82 20.75 25.13
C THR C 170 -5.91 19.28 24.63
N GLU C 171 -5.02 18.91 23.72
CA GLU C 171 -4.93 17.53 23.28
C GLU C 171 -4.17 16.78 24.36
N GLN C 172 -4.44 15.48 24.53
CA GLN C 172 -3.74 14.72 25.57
C GLN C 172 -2.25 14.93 25.38
N ASP C 173 -1.56 15.20 26.47
CA ASP C 173 -0.16 15.57 26.37
C ASP C 173 0.73 14.38 26.04
N SER C 174 1.59 14.57 25.05
CA SER C 174 2.50 13.51 24.60
C SER C 174 3.37 12.99 25.74
N LYS C 175 3.77 13.90 26.63
CA LYS C 175 4.69 13.57 27.70
C LYS C 175 4.02 12.93 28.93
N ASP C 176 3.07 13.62 29.55
CA ASP C 176 2.46 13.10 30.78
C ASP C 176 1.00 12.63 30.67
N SER C 177 0.47 12.63 29.45
CA SER C 177 -0.87 12.10 29.18
C SER C 177 -1.98 12.83 29.94
N THR C 178 -1.75 14.09 30.28
CA THR C 178 -2.78 14.89 30.95
C THR C 178 -3.54 15.77 29.98
N TYR C 179 -4.58 16.44 30.47
CA TYR C 179 -5.30 17.48 29.72
C TYR C 179 -5.20 18.82 30.46
N SER C 180 -5.48 19.91 29.74
CA SER C 180 -5.57 21.22 30.35
C SER C 180 -6.71 21.97 29.73
N LEU C 181 -7.38 22.81 30.52
CA LEU C 181 -8.58 23.49 30.05
C LEU C 181 -8.52 24.98 30.32
N SER C 182 -9.05 25.75 29.37
CA SER C 182 -9.16 27.18 29.55
C SER C 182 -10.61 27.63 29.42
N SER C 183 -11.08 28.38 30.40
CA SER C 183 -12.45 28.90 30.41
C SER C 183 -12.44 30.44 30.40
N THR C 184 -13.26 31.05 29.55
CA THR C 184 -13.28 32.50 29.42
C THR C 184 -14.68 33.09 29.58
N LEU C 185 -14.84 33.80 30.70
CA LEU C 185 -16.06 34.52 31.02
C LEU C 185 -15.92 35.92 30.43
N THR C 186 -16.97 36.41 29.80
CA THR C 186 -16.92 37.68 29.09
C THR C 186 -18.05 38.63 29.52
N LEU C 187 -17.68 39.84 29.96
CA LEU C 187 -18.68 40.84 30.32
C LEU C 187 -18.37 42.18 29.68
N SER C 188 -19.31 43.13 29.74
CA SER C 188 -19.00 44.51 29.37
C SER C 188 -18.30 45.19 30.56
N LYS C 189 -17.55 46.28 30.31
CA LYS C 189 -16.91 47.03 31.39
C LYS C 189 -17.96 47.40 32.44
N ALA C 190 -19.12 47.85 31.95
CA ALA C 190 -20.20 48.28 32.81
C ALA C 190 -20.59 47.19 33.82
N ASP C 191 -20.91 46.01 33.29
CA ASP C 191 -21.33 44.91 34.14
C ASP C 191 -20.19 44.42 35.03
N TYR C 192 -18.97 44.46 34.50
CA TYR C 192 -17.81 44.01 35.26
C TYR C 192 -17.52 44.86 36.50
N GLU C 193 -17.43 46.17 36.34
CA GLU C 193 -17.18 47.04 37.48
C GLU C 193 -18.48 47.37 38.22
N LYS C 194 -19.18 46.31 38.60
CA LYS C 194 -20.51 46.41 39.19
C LYS C 194 -20.64 45.32 40.24
N HIS C 195 -19.91 44.23 40.00
CA HIS C 195 -19.80 43.14 40.95
C HIS C 195 -18.38 43.06 41.49
N LYS C 196 -18.19 42.34 42.59
CA LYS C 196 -16.90 42.39 43.29
C LYS C 196 -16.08 41.11 43.23
N VAL C 197 -16.65 40.02 43.71
CA VAL C 197 -15.92 38.75 43.76
C VAL C 197 -16.21 37.93 42.51
N TYR C 198 -15.17 37.68 41.72
CA TYR C 198 -15.28 36.86 40.52
C TYR C 198 -14.60 35.55 40.81
N ALA C 199 -15.38 34.47 40.70
CA ALA C 199 -14.89 33.16 41.09
C ALA C 199 -15.11 32.04 40.06
N CYS C 200 -14.19 31.08 40.10
CA CYS C 200 -14.20 29.93 39.22
C CYS C 200 -14.23 28.70 40.12
N GLU C 201 -15.34 27.96 40.06
CA GLU C 201 -15.46 26.73 40.82
C GLU C 201 -15.23 25.50 39.95
N VAL C 202 -14.26 24.68 40.35
CA VAL C 202 -13.86 23.52 39.57
C VAL C 202 -14.25 22.22 40.26
N THR C 203 -14.82 21.31 39.49
CA THR C 203 -15.21 20.01 39.98
C THR C 203 -14.50 18.96 39.16
N HIS C 204 -13.79 18.05 39.82
CA HIS C 204 -12.97 17.06 39.12
C HIS C 204 -12.82 15.82 39.96
N GLN C 205 -12.73 14.68 39.30
CA GLN C 205 -12.55 13.40 39.98
C GLN C 205 -11.34 13.36 40.93
N GLY C 206 -10.29 14.08 40.60
CA GLY C 206 -9.10 14.03 41.45
C GLY C 206 -9.15 14.98 42.63
N LEU C 207 -10.26 15.71 42.74
CA LEU C 207 -10.49 16.68 43.81
C LEU C 207 -11.58 16.21 44.78
N SER C 208 -11.24 16.10 46.07
CA SER C 208 -12.21 15.65 47.08
C SER C 208 -13.40 16.60 47.18
N SER C 209 -13.11 17.90 47.20
CA SER C 209 -14.12 18.95 47.26
C SER C 209 -13.89 19.92 46.11
N PRO C 210 -14.99 20.43 45.52
CA PRO C 210 -14.86 21.45 44.47
C PRO C 210 -13.97 22.61 44.93
N VAL C 211 -12.96 22.93 44.13
CA VAL C 211 -12.03 24.02 44.41
C VAL C 211 -12.53 25.32 43.81
N THR C 212 -12.42 26.40 44.56
CA THR C 212 -12.77 27.71 44.04
C THR C 212 -11.54 28.60 44.06
N LYS C 213 -11.24 29.22 42.92
CA LYS C 213 -10.22 30.24 42.86
C LYS C 213 -10.97 31.53 42.52
N SER C 214 -10.54 32.66 43.06
CA SER C 214 -11.32 33.88 42.83
C SER C 214 -10.52 35.15 43.09
N PHE C 215 -11.05 36.29 42.67
CA PHE C 215 -10.44 37.58 43.01
C PHE C 215 -11.47 38.69 43.33
N ASN C 216 -11.00 39.72 44.03
CA ASN C 216 -11.78 40.93 44.23
C ASN C 216 -11.33 42.02 43.26
N ARG C 217 -12.27 42.55 42.50
CA ARG C 217 -11.99 43.63 41.55
C ARG C 217 -11.43 44.83 42.31
N GLY C 218 -10.13 45.10 42.12
CA GLY C 218 -9.42 46.10 42.89
C GLY C 218 -8.49 45.43 43.90
N GLU C 219 -7.51 44.68 43.37
CA GLU C 219 -6.59 43.91 44.22
C GLU C 219 -5.40 44.76 44.66
N GLN D 1 -0.16 5.10 -8.01
CA GLN D 1 -0.29 6.10 -6.94
C GLN D 1 -1.68 6.72 -6.91
N VAL D 2 -2.62 6.12 -6.18
CA VAL D 2 -3.99 6.65 -6.16
C VAL D 2 -4.02 7.99 -5.46
N GLN D 3 -4.48 9.04 -6.14
CA GLN D 3 -4.45 10.37 -5.56
C GLN D 3 -5.70 11.19 -5.79
N LEU D 4 -6.06 11.96 -4.77
CA LEU D 4 -7.22 12.84 -4.80
C LEU D 4 -6.81 14.21 -4.30
N VAL D 5 -6.73 15.18 -5.19
CA VAL D 5 -6.28 16.51 -4.81
C VAL D 5 -7.44 17.47 -4.73
N GLN D 6 -7.71 18.00 -3.54
CA GLN D 6 -8.88 18.86 -3.36
C GLN D 6 -8.52 20.33 -3.40
N SER D 7 -9.47 21.14 -3.87
CA SER D 7 -9.27 22.57 -3.99
C SER D 7 -8.94 23.20 -2.65
N GLY D 8 -8.49 24.46 -2.68
CA GLY D 8 -8.00 25.08 -1.46
C GLY D 8 -9.13 25.57 -0.58
N ALA D 9 -8.78 26.04 0.61
CA ALA D 9 -9.77 26.51 1.58
C ALA D 9 -10.50 27.75 1.11
N GLU D 10 -11.74 27.87 1.56
CA GLU D 10 -12.60 28.91 1.07
C GLU D 10 -13.33 29.55 2.23
N VAL D 11 -13.48 30.87 2.16
CA VAL D 11 -14.25 31.58 3.16
C VAL D 11 -15.37 32.30 2.44
N LYS D 12 -16.60 32.01 2.85
CA LYS D 12 -17.78 32.48 2.17
C LYS D 12 -18.71 33.08 3.21
N LYS D 13 -19.57 33.98 2.77
CA LYS D 13 -20.48 34.67 3.68
C LYS D 13 -21.87 34.03 3.62
N PRO D 14 -22.67 34.17 4.69
CA PRO D 14 -23.95 33.48 4.75
C PRO D 14 -24.80 33.75 3.52
N GLY D 15 -25.48 32.72 3.02
CA GLY D 15 -26.31 32.87 1.83
C GLY D 15 -25.59 32.72 0.50
N ALA D 16 -24.26 32.72 0.52
CA ALA D 16 -23.50 32.51 -0.71
C ALA D 16 -23.44 31.03 -1.04
N SER D 17 -22.71 30.70 -2.10
CA SER D 17 -22.56 29.32 -2.53
C SER D 17 -21.07 29.05 -2.70
N VAL D 18 -20.71 27.78 -2.71
CA VAL D 18 -19.33 27.40 -2.99
C VAL D 18 -19.26 26.12 -3.83
N LYS D 19 -18.21 26.00 -4.64
CA LYS D 19 -18.03 24.83 -5.49
C LYS D 19 -16.60 24.35 -5.39
N LEU D 20 -16.43 23.20 -4.77
CA LEU D 20 -15.14 22.59 -4.52
C LEU D 20 -14.85 21.54 -5.58
N SER D 21 -13.57 21.27 -5.82
CA SER D 21 -13.16 20.29 -6.81
C SER D 21 -12.33 19.21 -6.18
N CYS D 22 -12.33 18.05 -6.81
CA CYS D 22 -11.54 16.92 -6.38
C CYS D 22 -10.95 16.26 -7.63
N LYS D 23 -9.63 16.26 -7.75
CA LYS D 23 -8.96 15.74 -8.93
C LYS D 23 -8.35 14.36 -8.69
N ALA D 24 -8.81 13.36 -9.43
CA ALA D 24 -8.36 11.98 -9.21
C ALA D 24 -7.28 11.53 -10.22
N SER D 25 -6.40 10.66 -9.78
CA SER D 25 -5.39 10.10 -10.66
C SER D 25 -4.84 8.80 -10.09
N GLY D 26 -4.10 8.05 -10.92
CA GLY D 26 -3.46 6.82 -10.46
C GLY D 26 -4.39 5.63 -10.47
N TYR D 27 -5.60 5.82 -11.03
CA TYR D 27 -6.57 4.73 -11.17
C TYR D 27 -7.56 5.07 -12.29
N THR D 28 -8.23 4.07 -12.86
CA THR D 28 -9.22 4.34 -13.92
C THR D 28 -10.50 5.00 -13.31
N PHE D 29 -10.69 6.28 -13.63
CA PHE D 29 -11.63 7.19 -12.96
C PHE D 29 -13.11 6.81 -13.00
N THR D 30 -13.53 6.15 -14.08
CA THR D 30 -14.94 5.85 -14.27
C THR D 30 -15.32 4.46 -13.75
N ALA D 31 -14.47 3.86 -12.94
CA ALA D 31 -14.69 2.49 -12.51
C ALA D 31 -15.04 2.46 -11.03
N TYR D 32 -14.93 3.62 -10.38
CA TYR D 32 -15.26 3.77 -8.96
C TYR D 32 -16.13 5.00 -8.73
N SER D 33 -17.16 4.87 -7.89
CA SER D 33 -18.04 5.98 -7.57
C SER D 33 -17.27 7.06 -6.80
N MET D 34 -17.77 8.30 -6.80
CA MET D 34 -17.20 9.34 -5.94
C MET D 34 -18.20 9.87 -4.94
N HIS D 35 -17.74 10.15 -3.72
CA HIS D 35 -18.61 10.58 -2.61
C HIS D 35 -18.15 11.89 -2.00
N TRP D 36 -19.12 12.66 -1.50
CA TRP D 36 -18.81 13.87 -0.74
C TRP D 36 -19.39 13.77 0.67
N VAL D 37 -18.47 13.88 1.63
CA VAL D 37 -18.71 13.70 3.06
C VAL D 37 -18.07 14.85 3.87
N ARG D 38 -18.83 15.51 4.72
CA ARG D 38 -18.29 16.64 5.48
C ARG D 38 -18.14 16.32 6.98
N GLN D 39 -17.36 17.13 7.67
CA GLN D 39 -17.10 16.97 9.09
C GLN D 39 -16.98 18.35 9.70
N ALA D 40 -18.01 18.76 10.43
CA ALA D 40 -17.97 20.01 11.22
C ALA D 40 -16.96 19.84 12.36
N PRO D 41 -16.40 20.95 12.85
CA PRO D 41 -15.28 20.77 13.79
C PRO D 41 -15.67 20.03 15.08
N GLY D 42 -14.83 19.07 15.47
CA GLY D 42 -15.07 18.25 16.65
C GLY D 42 -16.28 17.34 16.52
N GLN D 43 -16.79 17.20 15.30
CA GLN D 43 -18.00 16.42 15.09
C GLN D 43 -17.73 15.14 14.32
N SER D 44 -18.79 14.39 14.08
CA SER D 44 -18.69 13.14 13.33
C SER D 44 -18.82 13.43 11.83
N LEU D 45 -18.59 12.41 11.01
CA LEU D 45 -18.69 12.52 9.56
C LEU D 45 -20.12 12.39 9.01
N GLU D 46 -20.47 13.30 8.12
CA GLU D 46 -21.80 13.38 7.54
C GLU D 46 -21.69 13.35 6.03
N TRP D 47 -22.31 12.34 5.41
CA TRP D 47 -22.35 12.13 3.95
C TRP D 47 -23.31 13.10 3.27
N LEU D 48 -22.84 13.79 2.23
CA LEU D 48 -23.65 14.75 1.48
C LEU D 48 -24.22 14.10 0.23
N GLY D 49 -23.43 13.25 -0.41
CA GLY D 49 -23.99 12.54 -1.54
C GLY D 49 -22.98 11.84 -2.40
N TRP D 50 -23.43 11.29 -3.54
CA TRP D 50 -22.50 10.61 -4.42
C TRP D 50 -22.84 10.67 -5.93
N ILE D 51 -21.80 10.44 -6.74
CA ILE D 51 -21.94 10.39 -8.20
C ILE D 51 -21.28 9.16 -8.83
N ASN D 52 -21.99 8.52 -9.76
CA ASN D 52 -21.44 7.44 -10.58
C ASN D 52 -20.61 8.05 -11.70
N THR D 53 -19.30 7.82 -11.64
CA THR D 53 -18.40 8.57 -12.49
C THR D 53 -18.50 8.29 -13.99
N ALA D 54 -19.09 7.15 -14.37
CA ALA D 54 -19.23 6.81 -15.78
C ALA D 54 -20.47 7.45 -16.36
N ILE D 55 -21.61 7.17 -15.73
CA ILE D 55 -22.91 7.64 -16.19
C ILE D 55 -23.22 9.07 -15.78
N GLY D 56 -23.03 9.36 -14.49
CA GLY D 56 -23.22 10.70 -14.00
C GLY D 56 -24.44 10.84 -13.13
N ASN D 57 -25.11 9.73 -12.85
CA ASN D 57 -26.25 9.76 -11.95
C ASN D 57 -25.77 9.95 -10.52
N THR D 58 -26.64 10.54 -9.69
CA THR D 58 -26.31 10.89 -8.31
C THR D 58 -27.39 10.59 -7.32
N GLN D 59 -27.01 10.57 -6.06
CA GLN D 59 -28.03 10.78 -5.04
C GLN D 59 -27.47 11.44 -3.80
N TYR D 60 -28.32 12.24 -3.16
CA TYR D 60 -27.89 13.05 -2.07
C TYR D 60 -28.58 12.63 -0.78
N SER D 61 -28.08 13.14 0.32
CA SER D 61 -28.74 12.90 1.58
C SER D 61 -29.92 13.83 1.57
N GLN D 62 -31.05 13.39 2.11
CA GLN D 62 -32.27 14.18 2.07
C GLN D 62 -32.10 15.54 2.78
N LYS D 63 -31.25 15.61 3.80
CA LYS D 63 -30.98 16.88 4.50
C LYS D 63 -30.31 17.92 3.59
N PHE D 64 -30.06 17.57 2.34
CA PHE D 64 -29.30 18.43 1.44
C PHE D 64 -29.86 18.50 0.02
N GLN D 65 -30.89 17.71 -0.25
CA GLN D 65 -31.37 17.48 -1.62
C GLN D 65 -31.62 18.79 -2.37
N ASP D 66 -32.08 19.80 -1.64
CA ASP D 66 -32.25 21.17 -2.17
C ASP D 66 -30.95 21.89 -2.56
N ARG D 67 -29.90 21.78 -1.75
CA ARG D 67 -28.75 22.71 -1.83
C ARG D 67 -27.44 22.18 -2.40
N VAL D 68 -27.29 20.87 -2.50
CA VAL D 68 -26.03 20.31 -2.97
C VAL D 68 -26.13 19.76 -4.40
N THR D 69 -25.09 19.96 -5.19
CA THR D 69 -25.03 19.33 -6.50
C THR D 69 -23.67 18.72 -6.78
N ILE D 70 -23.67 17.45 -7.17
CA ILE D 70 -22.41 16.77 -7.44
C ILE D 70 -22.28 16.52 -8.94
N THR D 71 -21.07 16.73 -9.43
CA THR D 71 -20.78 16.84 -10.86
C THR D 71 -19.51 16.07 -11.17
N ARG D 72 -19.36 15.60 -12.41
CA ARG D 72 -18.08 15.06 -12.81
C ARG D 72 -17.72 15.39 -14.25
N ASP D 73 -16.41 15.40 -14.49
CA ASP D 73 -15.78 15.71 -15.77
C ASP D 73 -14.80 14.59 -16.02
N THR D 74 -15.23 13.65 -16.85
CA THR D 74 -14.56 12.38 -17.00
C THR D 74 -13.22 12.51 -17.72
N SER D 75 -13.10 13.56 -18.53
CA SER D 75 -11.84 13.81 -19.21
C SER D 75 -10.86 14.47 -18.27
N ALA D 76 -11.40 15.24 -17.33
CA ALA D 76 -10.61 15.95 -16.31
C ALA D 76 -10.31 15.07 -15.10
N ARG D 77 -10.93 13.90 -15.07
CA ARG D 77 -10.87 13.03 -13.91
C ARG D 77 -11.28 13.81 -12.66
N THR D 78 -12.33 14.62 -12.76
CA THR D 78 -12.61 15.55 -11.68
C THR D 78 -14.07 15.61 -11.24
N SER D 79 -14.28 15.61 -9.93
CA SER D 79 -15.62 15.75 -9.38
C SER D 79 -15.77 17.11 -8.75
N TYR D 80 -17.01 17.53 -8.60
CA TYR D 80 -17.30 18.87 -8.15
C TYR D 80 -18.47 18.81 -7.24
N MET D 81 -18.37 19.47 -6.10
CA MET D 81 -19.51 19.52 -5.21
C MET D 81 -19.83 20.98 -4.92
N GLU D 82 -21.10 21.33 -5.07
CA GLU D 82 -21.54 22.70 -4.91
C GLU D 82 -22.64 22.84 -3.86
N LEU D 83 -22.37 23.60 -2.81
CA LEU D 83 -23.37 23.85 -1.77
C LEU D 83 -23.87 25.29 -1.78
N SER D 84 -25.18 25.44 -1.67
CA SER D 84 -25.86 26.72 -1.84
C SER D 84 -26.53 27.18 -0.56
N SER D 85 -26.91 28.46 -0.52
CA SER D 85 -27.58 29.03 0.64
C SER D 85 -26.84 28.69 1.94
N LEU D 86 -25.54 28.94 1.95
CA LEU D 86 -24.67 28.56 3.07
C LEU D 86 -25.05 29.22 4.39
N ARG D 87 -24.87 28.48 5.47
CA ARG D 87 -25.18 28.97 6.81
C ARG D 87 -23.99 28.72 7.72
N SER D 88 -24.00 29.34 8.89
CA SER D 88 -22.87 29.19 9.80
C SER D 88 -22.67 27.71 10.14
N GLY D 89 -23.77 26.96 10.16
CA GLY D 89 -23.72 25.52 10.42
C GLY D 89 -23.07 24.70 9.32
N ASP D 90 -22.68 25.34 8.22
CA ASP D 90 -22.02 24.64 7.14
C ASP D 90 -20.51 24.75 7.20
N THR D 91 -20.02 25.45 8.21
CA THR D 91 -18.60 25.53 8.43
C THR D 91 -18.10 24.14 8.76
N ALA D 92 -17.21 23.60 7.93
CA ALA D 92 -16.74 22.21 8.09
C ALA D 92 -15.60 21.89 7.13
N VAL D 93 -15.01 20.71 7.31
CA VAL D 93 -14.09 20.18 6.31
C VAL D 93 -14.87 19.29 5.34
N TYR D 94 -14.67 19.48 4.04
CA TYR D 94 -15.39 18.72 3.03
C TYR D 94 -14.45 17.76 2.31
N PHE D 95 -14.65 16.47 2.58
CA PHE D 95 -13.89 15.39 1.97
C PHE D 95 -14.58 14.84 0.75
N CYS D 96 -13.77 14.53 -0.26
CA CYS D 96 -14.21 13.68 -1.34
C CYS D 96 -13.58 12.31 -1.03
N ALA D 97 -14.26 11.24 -1.44
CA ALA D 97 -13.79 9.92 -1.13
C ALA D 97 -14.13 8.99 -2.25
N ARG D 98 -13.20 8.13 -2.62
CA ARG D 98 -13.48 7.17 -3.66
C ARG D 98 -14.09 5.91 -3.06
N GLY D 99 -15.20 5.49 -3.63
CA GLY D 99 -15.84 4.27 -3.19
C GLY D 99 -15.05 3.07 -3.64
N ALA D 100 -15.27 1.94 -2.98
CA ALA D 100 -14.66 0.68 -3.38
C ALA D 100 -15.38 0.14 -4.61
N SER D 101 -16.59 0.61 -4.83
CA SER D 101 -17.36 0.13 -5.96
C SER D 101 -17.82 1.23 -6.88
N TRP D 102 -18.30 0.84 -8.05
CA TRP D 102 -18.75 1.79 -9.04
C TRP D 102 -20.08 2.41 -8.58
N ASP D 103 -20.66 1.85 -7.52
CA ASP D 103 -22.09 2.06 -7.23
C ASP D 103 -22.52 2.51 -5.84
N ALA D 104 -21.62 3.02 -5.01
CA ALA D 104 -22.00 3.50 -3.64
C ALA D 104 -22.11 2.43 -2.57
N ARG D 105 -22.59 1.23 -2.94
CA ARG D 105 -22.61 0.15 -1.97
C ARG D 105 -21.18 -0.39 -1.74
N GLY D 106 -20.35 0.43 -1.09
CA GLY D 106 -18.95 0.14 -0.84
C GLY D 106 -18.31 1.17 0.08
N TRP D 107 -17.27 0.76 0.82
CA TRP D 107 -16.58 1.65 1.75
C TRP D 107 -15.66 2.55 0.93
N SER D 108 -14.97 3.49 1.59
CA SER D 108 -13.95 4.29 0.89
C SER D 108 -12.51 4.02 1.31
N GLY D 109 -11.68 3.67 0.34
CA GLY D 109 -10.30 3.32 0.61
C GLY D 109 -9.37 4.49 0.40
N TYR D 110 -9.90 5.58 -0.17
CA TYR D 110 -9.07 6.75 -0.49
C TYR D 110 -9.84 8.04 -0.30
N TRP D 111 -9.32 8.88 0.58
CA TRP D 111 -9.92 10.15 0.92
C TRP D 111 -8.97 11.26 0.58
N GLY D 112 -9.53 12.39 0.14
CA GLY D 112 -8.77 13.61 -0.05
C GLY D 112 -8.44 14.22 1.29
N LYS D 113 -7.47 15.14 1.30
CA LYS D 113 -7.00 15.78 2.54
C LYS D 113 -8.06 16.70 3.19
N GLY D 114 -9.15 16.94 2.46
CA GLY D 114 -10.25 17.74 2.96
C GLY D 114 -10.13 19.17 2.47
N THR D 115 -11.26 19.85 2.28
CA THR D 115 -11.25 21.25 1.91
C THR D 115 -12.03 21.99 2.96
N LEU D 116 -11.40 22.91 3.70
CA LEU D 116 -12.14 23.61 4.77
C LEU D 116 -12.96 24.79 4.23
N VAL D 117 -14.23 24.84 4.64
CA VAL D 117 -15.12 25.93 4.27
C VAL D 117 -15.67 26.61 5.53
N THR D 118 -15.40 27.90 5.67
CA THR D 118 -15.86 28.67 6.79
C THR D 118 -16.92 29.63 6.33
N VAL D 119 -18.06 29.62 7.01
CA VAL D 119 -19.13 30.54 6.68
C VAL D 119 -19.20 31.57 7.76
N SER D 120 -18.83 32.80 7.43
CA SER D 120 -18.83 33.89 8.38
C SER D 120 -19.05 35.21 7.66
N SER D 121 -19.53 36.21 8.39
CA SER D 121 -19.68 37.54 7.81
C SER D 121 -18.50 38.43 8.23
N ALA D 122 -17.52 37.83 8.89
CA ALA D 122 -16.36 38.56 9.39
C ALA D 122 -15.34 38.83 8.29
N SER D 123 -14.52 39.86 8.47
CA SER D 123 -13.46 40.22 7.52
C SER D 123 -12.14 39.99 8.22
N THR D 124 -11.05 40.02 7.47
CA THR D 124 -9.72 39.86 8.06
C THR D 124 -9.51 40.93 9.14
N LYS D 125 -9.11 40.49 10.32
CA LYS D 125 -8.81 41.39 11.44
C LYS D 125 -7.67 40.84 12.26
N GLY D 126 -6.72 41.69 12.63
CA GLY D 126 -5.65 41.25 13.50
C GLY D 126 -6.12 41.26 14.94
N PRO D 127 -5.53 40.38 15.77
CA PRO D 127 -5.97 40.20 17.15
C PRO D 127 -5.40 41.26 18.08
N SER D 128 -6.10 41.46 19.19
CA SER D 128 -5.57 42.21 20.28
C SER D 128 -4.99 41.26 21.32
N VAL D 129 -3.81 41.60 21.83
CA VAL D 129 -3.14 40.72 22.78
C VAL D 129 -3.09 41.34 24.16
N PHE D 130 -3.80 40.74 25.11
CA PHE D 130 -3.83 41.24 26.48
C PHE D 130 -3.06 40.29 27.38
N PRO D 131 -2.42 40.82 28.43
CA PRO D 131 -1.71 39.96 29.39
C PRO D 131 -2.67 39.17 30.28
N LEU D 132 -2.29 37.94 30.61
CA LEU D 132 -2.84 37.19 31.74
C LEU D 132 -1.79 37.21 32.87
N ALA D 133 -1.85 38.26 33.69
CA ALA D 133 -0.77 38.59 34.62
C ALA D 133 -0.59 37.61 35.76
N PRO D 134 0.67 37.23 36.05
CA PRO D 134 0.77 36.44 37.26
C PRO D 134 0.26 37.29 38.41
N SER D 135 -0.55 36.67 39.27
CA SER D 135 -1.12 37.34 40.44
C SER D 135 -0.93 36.43 41.66
N SER D 136 -1.42 36.87 42.82
CA SER D 136 -1.37 36.01 44.00
C SER D 136 -2.48 34.95 43.89
N LYS D 137 -3.31 35.11 42.85
CA LYS D 137 -4.45 34.24 42.54
C LYS D 137 -4.12 33.33 41.34
N SER D 138 -2.93 33.53 40.79
CA SER D 138 -2.36 32.70 39.73
C SER D 138 -1.01 32.16 40.20
N THR D 139 -0.79 32.25 41.51
CA THR D 139 0.28 31.53 42.16
C THR D 139 -0.32 30.26 42.73
N SER D 140 0.49 29.20 42.75
CA SER D 140 0.12 27.97 43.42
C SER D 140 1.38 27.44 44.06
N GLY D 141 1.67 27.92 45.26
CA GLY D 141 2.86 27.52 46.00
C GLY D 141 4.13 28.06 45.37
N GLY D 142 4.95 27.15 44.86
CA GLY D 142 6.24 27.51 44.27
C GLY D 142 6.18 27.82 42.79
N THR D 143 5.15 27.34 42.10
CA THR D 143 4.94 27.66 40.68
C THR D 143 3.80 28.67 40.50
N ALA D 144 3.94 29.52 39.49
CA ALA D 144 2.92 30.50 39.11
C ALA D 144 2.52 30.31 37.65
N ALA D 145 1.43 30.96 37.23
CA ALA D 145 0.97 30.87 35.84
C ALA D 145 0.78 32.26 35.25
N LEU D 146 1.32 32.50 34.06
CA LEU D 146 1.04 33.76 33.37
C LEU D 146 0.71 33.43 31.94
N GLY D 147 0.15 34.36 31.19
CA GLY D 147 -0.25 34.04 29.85
C GLY D 147 -0.62 35.22 28.99
N CYS D 148 -1.16 34.93 27.81
CA CYS D 148 -1.60 35.93 26.84
C CYS D 148 -2.97 35.54 26.34
N LEU D 149 -3.81 36.54 26.18
CA LEU D 149 -5.12 36.37 25.61
C LEU D 149 -5.10 37.06 24.26
N VAL D 150 -5.18 36.26 23.21
CA VAL D 150 -5.17 36.71 21.84
C VAL D 150 -6.62 36.72 21.38
N LYS D 151 -7.17 37.90 21.12
CA LYS D 151 -8.62 38.06 21.06
C LYS D 151 -9.13 38.86 19.85
N ASP D 152 -10.30 38.45 19.36
CA ASP D 152 -11.03 39.15 18.30
C ASP D 152 -10.25 39.24 17.00
N TYR D 153 -9.90 38.08 16.45
CA TYR D 153 -9.22 38.01 15.18
C TYR D 153 -9.97 37.14 14.16
N PHE D 154 -9.57 37.23 12.90
CA PHE D 154 -10.16 36.44 11.81
C PHE D 154 -9.29 36.60 10.58
N PRO D 155 -9.08 35.51 9.84
CA PRO D 155 -9.55 34.16 10.17
C PRO D 155 -8.51 33.42 10.98
N GLU D 156 -8.74 32.13 11.27
CA GLU D 156 -7.69 31.29 11.85
C GLU D 156 -6.59 31.19 10.80
N PRO D 157 -5.37 30.84 11.20
CA PRO D 157 -4.89 30.48 12.54
C PRO D 157 -4.06 31.62 13.15
N VAL D 158 -3.67 31.38 14.39
CA VAL D 158 -2.77 32.25 15.12
C VAL D 158 -1.67 31.35 15.64
N THR D 159 -0.49 31.91 15.72
CA THR D 159 0.68 31.26 16.25
C THR D 159 1.15 31.95 17.52
N VAL D 160 1.50 31.18 18.54
CA VAL D 160 2.07 31.78 19.71
C VAL D 160 3.25 31.01 20.15
N SER D 161 4.34 31.71 20.42
CA SER D 161 5.46 31.10 21.10
C SER D 161 5.79 31.97 22.30
N TRP D 162 6.70 31.51 23.16
CA TRP D 162 7.09 32.29 24.34
C TRP D 162 8.60 32.52 24.37
N ASN D 163 8.99 33.79 24.44
CA ASN D 163 10.40 34.17 24.34
C ASN D 163 11.05 33.58 23.09
N SER D 164 10.38 33.78 21.96
CA SER D 164 10.92 33.47 20.64
C SER D 164 11.28 32.00 20.42
N GLY D 165 10.74 31.13 21.26
CA GLY D 165 10.98 29.70 21.13
C GLY D 165 11.81 29.15 22.25
N ALA D 166 12.35 30.06 23.07
CA ALA D 166 13.27 29.72 24.14
C ALA D 166 12.55 29.08 25.32
N LEU D 167 11.29 29.47 25.51
CA LEU D 167 10.46 28.91 26.55
C LEU D 167 9.45 27.93 25.92
N THR D 168 9.61 26.65 26.22
CA THR D 168 8.72 25.62 25.69
C THR D 168 8.03 24.76 26.75
N SER D 169 8.76 24.42 27.81
CA SER D 169 8.18 23.70 28.97
C SER D 169 7.08 24.46 29.66
N GLY D 170 5.95 23.79 29.87
CA GLY D 170 4.90 24.38 30.64
C GLY D 170 3.93 25.18 29.80
N VAL D 171 4.26 25.40 28.54
CA VAL D 171 3.37 26.13 27.65
C VAL D 171 2.15 25.30 27.21
N HIS D 172 0.98 25.93 27.27
CA HIS D 172 -0.23 25.38 26.70
C HIS D 172 -0.92 26.44 25.87
N THR D 173 -0.88 26.28 24.54
CA THR D 173 -1.67 27.14 23.67
C THR D 173 -2.93 26.36 23.36
N PHE D 174 -4.07 27.00 23.58
CA PHE D 174 -5.37 26.35 23.47
C PHE D 174 -5.99 26.57 22.11
N PRO D 175 -6.85 25.64 21.69
CA PRO D 175 -7.67 25.82 20.47
C PRO D 175 -8.49 27.07 20.59
N ALA D 176 -8.67 27.77 19.49
CA ALA D 176 -9.45 28.99 19.51
C ALA D 176 -10.91 28.64 19.80
N VAL D 177 -11.71 29.63 20.17
CA VAL D 177 -13.14 29.44 20.20
C VAL D 177 -13.72 30.57 19.39
N LEU D 178 -14.92 30.35 18.87
CA LEU D 178 -15.56 31.30 17.97
C LEU D 178 -16.67 32.01 18.73
N GLN D 179 -16.58 33.33 18.80
CA GLN D 179 -17.51 34.10 19.60
C GLN D 179 -18.74 34.56 18.82
N SER D 180 -19.68 35.15 19.54
CA SER D 180 -20.92 35.64 18.95
C SER D 180 -20.60 36.66 17.88
N SER D 181 -19.51 37.39 18.08
CA SER D 181 -19.09 38.43 17.15
C SER D 181 -18.69 37.83 15.80
N GLY D 182 -18.40 36.53 15.78
CA GLY D 182 -17.88 35.91 14.58
C GLY D 182 -16.36 35.92 14.55
N LEU D 183 -15.76 36.54 15.55
CA LEU D 183 -14.31 36.63 15.69
C LEU D 183 -13.79 35.54 16.62
N TYR D 184 -12.52 35.19 16.43
CA TYR D 184 -11.92 34.09 17.17
C TYR D 184 -11.20 34.57 18.42
N SER D 185 -11.07 33.68 19.39
CA SER D 185 -10.38 34.03 20.62
C SER D 185 -9.64 32.83 21.18
N LEU D 186 -8.43 33.09 21.61
CA LEU D 186 -7.49 32.05 22.02
C LEU D 186 -6.71 32.52 23.24
N SER D 187 -6.23 31.59 24.06
CA SER D 187 -5.32 31.93 25.16
C SER D 187 -4.13 30.99 25.18
N SER D 188 -3.02 31.50 25.67
CA SER D 188 -1.78 30.74 25.75
C SER D 188 -1.21 30.98 27.13
N VAL D 189 -0.88 29.92 27.86
CA VAL D 189 -0.49 30.08 29.24
C VAL D 189 0.81 29.34 29.46
N VAL D 190 1.52 29.71 30.51
CA VAL D 190 2.71 28.98 30.94
C VAL D 190 2.91 29.08 32.43
N THR D 191 3.28 27.96 33.03
CA THR D 191 3.67 27.94 34.42
C THR D 191 5.17 28.11 34.53
N VAL D 192 5.58 28.84 35.55
CA VAL D 192 6.94 29.30 35.68
C VAL D 192 7.25 29.33 37.17
N PRO D 193 8.52 29.25 37.55
CA PRO D 193 8.73 29.31 39.01
C PRO D 193 8.49 30.73 39.55
N SER D 194 7.75 30.82 40.66
CA SER D 194 7.41 32.11 41.27
C SER D 194 8.61 33.02 41.47
N SER D 195 9.70 32.45 41.98
CA SER D 195 10.91 33.19 42.31
C SER D 195 11.49 33.96 41.13
N SER D 196 11.14 33.56 39.91
CA SER D 196 11.71 34.14 38.70
C SER D 196 10.94 35.37 38.22
N LEU D 197 9.71 35.52 38.70
CA LEU D 197 8.78 36.52 38.14
C LEU D 197 9.29 37.92 37.93
N GLY D 198 9.70 38.57 39.00
CA GLY D 198 10.11 39.95 38.90
C GLY D 198 11.43 40.03 38.16
N THR D 199 12.13 38.92 38.07
CA THR D 199 13.46 38.93 37.46
C THR D 199 13.59 38.36 36.01
N GLN D 200 12.93 37.23 35.71
CA GLN D 200 12.93 36.74 34.32
C GLN D 200 11.86 37.41 33.47
N THR D 201 12.22 37.80 32.25
CA THR D 201 11.24 38.38 31.32
C THR D 201 10.44 37.32 30.58
N TYR D 202 9.12 37.49 30.52
CA TYR D 202 8.27 36.58 29.76
C TYR D 202 7.55 37.37 28.69
N ILE D 203 7.92 37.11 27.44
CA ILE D 203 7.35 37.80 26.30
C ILE D 203 6.62 36.75 25.46
N CYS D 204 5.39 37.04 25.07
CA CYS D 204 4.70 36.13 24.18
C CYS D 204 4.67 36.70 22.77
N ASN D 205 5.01 35.84 21.81
CA ASN D 205 5.04 36.19 20.41
C ASN D 205 3.84 35.65 19.68
N VAL D 206 2.99 36.57 19.29
CA VAL D 206 1.75 36.25 18.61
C VAL D 206 1.94 36.58 17.17
N ASN D 207 1.53 35.66 16.32
CA ASN D 207 1.63 35.80 14.89
C ASN D 207 0.30 35.50 14.24
N HIS D 208 -0.22 36.46 13.49
CA HIS D 208 -1.41 36.18 12.71
C HIS D 208 -1.12 36.49 11.24
N LYS D 209 -0.50 35.54 10.55
CA LYS D 209 -0.14 35.73 9.14
C LYS D 209 -1.25 36.27 8.22
N PRO D 210 -2.53 35.85 8.39
CA PRO D 210 -3.59 36.39 7.54
C PRO D 210 -3.79 37.89 7.55
N SER D 211 -3.37 38.59 8.60
CA SER D 211 -3.55 40.05 8.58
C SER D 211 -2.18 40.74 8.61
N ASN D 212 -1.13 39.93 8.47
CA ASN D 212 0.25 40.40 8.67
C ASN D 212 0.41 41.12 10.01
N THR D 213 -0.08 40.47 11.05
CA THR D 213 0.04 41.02 12.39
C THR D 213 1.02 40.21 13.17
N LYS D 214 2.01 40.90 13.72
CA LYS D 214 2.98 40.32 14.60
C LYS D 214 2.96 41.18 15.85
N VAL D 215 2.84 40.54 17.01
CA VAL D 215 2.72 41.28 18.24
C VAL D 215 3.45 40.56 19.35
N ASP D 216 4.23 41.32 20.12
CA ASP D 216 4.92 40.77 21.25
C ASP D 216 4.37 41.44 22.48
N LYS D 217 4.10 40.64 23.51
CA LYS D 217 3.53 41.22 24.71
C LYS D 217 4.39 40.80 25.88
N ARG D 218 4.89 41.81 26.59
CA ARG D 218 5.72 41.60 27.77
C ARG D 218 4.67 41.35 28.86
N VAL D 219 4.84 40.30 29.66
CA VAL D 219 3.87 40.02 30.72
C VAL D 219 4.48 40.12 32.12
N GLU D 220 3.86 40.96 32.94
CA GLU D 220 4.42 41.25 34.24
C GLU D 220 3.31 41.25 35.29
N PRO D 221 3.69 41.21 36.59
CA PRO D 221 2.66 41.29 37.64
C PRO D 221 1.85 42.57 37.49
N LYS D 222 0.58 42.59 37.86
CA LYS D 222 -0.19 43.83 37.79
C LYS D 222 0.17 44.75 38.96
N SER D 223 0.25 46.05 38.69
CA SER D 223 0.50 47.04 39.73
C SER D 223 -0.63 47.04 40.80
C1 PEG E . -2.15 -10.51 -9.70
O1 PEG E . -2.44 -11.86 -9.28
C2 PEG E . -2.43 -9.48 -8.61
O2 PEG E . -1.28 -9.29 -7.79
C3 PEG E . -0.25 -8.57 -8.48
C4 PEG E . 0.38 -7.56 -7.54
O4 PEG E . 1.80 -7.76 -7.50
C1 PEG F . 13.01 -29.19 -27.87
O1 PEG F . 11.98 -29.74 -28.71
C2 PEG F . 13.67 -28.06 -28.64
O2 PEG F . 12.61 -27.26 -29.16
C3 PEG F . 12.07 -26.49 -28.11
C4 PEG F . 13.13 -25.44 -27.83
O4 PEG F . 12.51 -24.18 -28.08
C1 PEG G . -9.96 15.49 12.22
O1 PEG G . -9.37 15.61 10.92
C2 PEG G . -9.72 16.75 13.04
O2 PEG G . -10.97 17.22 13.55
C3 PEG G . -11.64 16.15 14.23
C4 PEG G . -13.07 16.58 14.54
O4 PEG G . -13.81 15.49 15.09
#